data_6KC6
#
_entry.id   6KC6
#
_cell.length_a   151.586
_cell.length_b   88.793
_cell.length_c   104.438
_cell.angle_alpha   90.00
_cell.angle_beta   101.08
_cell.angle_gamma   90.00
#
_symmetry.space_group_name_H-M   'C 1 2 1'
#
loop_
_entity.id
_entity.type
_entity.pdbx_description
1 polymer 'E3 ubiquitin-protein ligase RNF31'
2 non-polymer 'ZINC ION'
3 non-polymer '2-[3-[2,6-bis(fluoranyl)-4-(1~{H}-pyrazol-4-yl)phenyl]-3-oxidanylidene-propyl]-4-(1-methylpyrazol-4-yl)benzoic acid'
4 non-polymer 'CHLORIDE ION'
5 non-polymer GLYCEROL
6 water water
#
_entity_poly.entity_id   1
_entity_poly.type   'polypeptide(L)'
_entity_poly.pdbx_seq_one_letter_code
;GPGHMPEYQAQGLAMYLQENGIDCPKCKFSYALARGGCMHFHCTQCRHQFCSGCYNAFYAKNKCPEPNCRVKKSLHGHHP
RDCLFYLRDWTALRLQKLLQDNNVMFNTEPPAGARAVPGGGCRVIEQKEVPNGLRDEACGKETPAGYAGLCQAHYKEYLV
SLINAHSLDPATLYEVEELETATERYLHVRPQPLAGEDPPAYQARLLQKLTEEVPLGQSIPRRRK
;
_entity_poly.pdbx_strand_id   A,C,E,G,I,K
#
# COMPACT_ATOMS: atom_id res chain seq x y z
N ASN A 20 -8.58 6.53 -11.87
CA ASN A 20 -9.76 7.07 -12.51
C ASN A 20 -10.89 7.36 -11.50
N GLY A 21 -11.79 8.28 -11.86
CA GLY A 21 -13.01 8.51 -11.10
C GLY A 21 -12.98 9.55 -9.98
N ILE A 22 -14.16 9.79 -9.40
CA ILE A 22 -14.31 10.72 -8.28
C ILE A 22 -14.85 10.01 -7.04
N ASP A 23 -14.05 9.96 -5.97
CA ASP A 23 -14.51 9.39 -4.70
C ASP A 23 -15.11 10.45 -3.76
N CYS A 24 -16.34 10.25 -3.30
CA CYS A 24 -16.90 11.12 -2.28
C CYS A 24 -16.02 11.06 -1.04
N PRO A 25 -15.49 12.21 -0.60
CA PRO A 25 -14.54 12.14 0.51
C PRO A 25 -15.19 11.72 1.81
N LYS A 26 -16.51 11.70 1.88
CA LYS A 26 -17.16 11.29 3.12
C LYS A 26 -17.51 9.80 3.14
N CYS A 27 -18.29 9.31 2.19
CA CYS A 27 -18.73 7.91 2.20
C CYS A 27 -17.93 7.01 1.25
N LYS A 28 -17.00 7.63 0.53
CA LYS A 28 -16.03 6.94 -0.32
C LYS A 28 -16.66 6.16 -1.48
N PHE A 29 -17.91 6.49 -1.79
CA PHE A 29 -18.54 5.95 -2.99
C PHE A 29 -17.84 6.46 -4.25
N SER A 30 -17.58 5.57 -5.22
CA SER A 30 -16.86 5.98 -6.43
C SER A 30 -17.79 6.43 -7.54
N TYR A 31 -17.58 7.64 -8.04
CA TYR A 31 -18.34 8.16 -9.17
C TYR A 31 -17.48 8.28 -10.42
N ALA A 32 -18.14 8.28 -11.57
CA ALA A 32 -17.47 8.52 -12.85
C ALA A 32 -16.85 9.91 -12.85
N LEU A 33 -15.63 10.01 -13.37
CA LEU A 33 -14.96 11.31 -13.46
C LEU A 33 -15.69 12.18 -14.46
N ALA A 34 -16.85 12.69 -14.07
CA ALA A 34 -17.70 13.41 -15.00
C ALA A 34 -18.10 14.78 -14.48
N ARG A 35 -17.38 15.81 -14.93
CA ARG A 35 -17.63 17.19 -14.53
C ARG A 35 -18.39 17.95 -15.62
N GLY A 36 -19.60 18.39 -15.30
CA GLY A 36 -20.43 19.08 -16.28
C GLY A 36 -20.03 20.53 -16.46
N GLY A 37 -18.73 20.76 -16.55
CA GLY A 37 -18.20 22.10 -16.60
C GLY A 37 -18.24 22.76 -15.23
N CYS A 38 -18.55 21.97 -14.21
CA CYS A 38 -18.80 22.52 -12.89
C CYS A 38 -18.06 21.73 -11.80
N MET A 39 -17.52 22.45 -10.82
CA MET A 39 -16.69 21.82 -9.78
C MET A 39 -17.53 21.27 -8.65
N HIS A 40 -18.79 21.69 -8.59
CA HIS A 40 -19.66 21.23 -7.53
C HIS A 40 -19.95 19.76 -7.74
N PHE A 41 -19.88 18.98 -6.67
CA PHE A 41 -20.33 17.60 -6.77
C PHE A 41 -21.22 17.27 -5.59
N HIS A 42 -22.34 16.64 -5.88
CA HIS A 42 -23.26 16.17 -4.85
C HIS A 42 -23.33 14.63 -4.81
N CYS A 43 -22.85 14.06 -3.71
CA CYS A 43 -22.96 12.64 -3.46
C CYS A 43 -24.40 12.30 -3.14
N THR A 44 -25.11 11.67 -4.09
CA THR A 44 -26.51 11.30 -3.86
C THR A 44 -26.61 10.11 -2.90
N GLN A 45 -25.46 9.55 -2.53
CA GLN A 45 -25.44 8.47 -1.57
C GLN A 45 -25.49 8.98 -0.14
N CYS A 46 -24.55 9.84 0.24
CA CYS A 46 -24.49 10.34 1.61
C CYS A 46 -24.84 11.83 1.76
N ARG A 47 -25.24 12.47 0.66
CA ARG A 47 -25.62 13.89 0.61
C ARG A 47 -24.48 14.90 0.85
N HIS A 48 -23.25 14.43 0.90
CA HIS A 48 -22.13 15.38 0.99
C HIS A 48 -22.04 16.27 -0.26
N GLN A 49 -21.69 17.53 -0.05
CA GLN A 49 -21.40 18.40 -1.19
C GLN A 49 -19.94 18.81 -1.13
N PHE A 50 -19.24 18.64 -2.25
CA PHE A 50 -17.81 18.90 -2.27
C PHE A 50 -17.34 19.30 -3.65
N CYS A 51 -16.12 19.86 -3.69
CA CYS A 51 -15.44 20.22 -4.92
C CYS A 51 -14.82 19.02 -5.56
N SER A 52 -15.15 18.75 -6.82
CA SER A 52 -14.61 17.56 -7.48
C SER A 52 -13.15 17.76 -7.84
N GLY A 53 -12.62 18.94 -7.55
CA GLY A 53 -11.24 19.24 -7.87
C GLY A 53 -10.29 19.02 -6.72
N CYS A 54 -10.73 19.34 -5.51
CA CYS A 54 -9.85 19.28 -4.35
C CYS A 54 -10.48 18.51 -3.18
N TYR A 55 -11.76 18.13 -3.35
CA TYR A 55 -12.49 17.31 -2.39
C TYR A 55 -12.76 18.03 -1.06
N ASN A 56 -12.66 19.35 -1.10
CA ASN A 56 -13.09 20.14 0.02
C ASN A 56 -14.60 20.35 -0.02
N ALA A 57 -15.20 20.49 1.15
CA ALA A 57 -16.64 20.60 1.25
C ALA A 57 -17.12 21.91 0.62
N PHE A 58 -18.27 21.86 -0.03
CA PHE A 58 -18.96 23.08 -0.44
C PHE A 58 -19.99 23.39 0.63
N TYR A 59 -20.20 24.68 0.89
CA TYR A 59 -21.14 25.12 1.92
C TYR A 59 -22.17 26.08 1.34
N ALA A 60 -23.42 25.92 1.76
CA ALA A 60 -24.47 26.90 1.49
C ALA A 60 -24.15 28.20 2.21
N LYS A 61 -24.73 29.30 1.75
CA LYS A 61 -24.55 30.61 2.38
C LYS A 61 -24.74 30.54 3.91
N ASN A 62 -23.84 31.20 4.62
CA ASN A 62 -23.86 31.30 6.09
C ASN A 62 -23.61 29.98 6.82
N LYS A 63 -23.34 28.91 6.09
CA LYS A 63 -23.18 27.60 6.71
C LYS A 63 -21.72 27.19 6.94
N CYS A 64 -20.77 27.88 6.33
CA CYS A 64 -19.37 27.52 6.51
C CYS A 64 -18.96 27.63 7.98
N PRO A 65 -18.44 26.52 8.54
CA PRO A 65 -18.12 26.49 9.97
C PRO A 65 -16.67 26.89 10.26
N GLU A 66 -15.90 27.31 9.24
CA GLU A 66 -14.55 27.79 9.47
C GLU A 66 -14.57 29.17 10.14
N PRO A 67 -14.03 29.26 11.36
CA PRO A 67 -14.08 30.50 12.13
C PRO A 67 -13.36 31.69 11.50
N ASN A 68 -12.39 31.48 10.60
CA ASN A 68 -11.72 32.63 9.99
C ASN A 68 -12.20 32.94 8.57
N CYS A 69 -13.28 32.27 8.17
CA CYS A 69 -13.86 32.48 6.85
C CYS A 69 -14.33 33.91 6.63
N ARG A 70 -13.86 34.53 5.55
CA ARG A 70 -14.22 35.90 5.25
C ARG A 70 -15.34 36.01 4.21
N VAL A 71 -15.84 34.87 3.73
CA VAL A 71 -16.89 34.87 2.72
C VAL A 71 -18.06 33.96 3.11
N LYS A 72 -18.35 33.93 4.41
CA LYS A 72 -19.34 33.01 4.96
C LYS A 72 -20.76 33.27 4.44
N LYS A 73 -21.06 34.47 4.01
CA LYS A 73 -22.38 34.69 3.42
C LYS A 73 -22.48 34.10 1.99
N SER A 74 -21.38 33.59 1.45
CA SER A 74 -21.44 33.13 0.06
C SER A 74 -21.50 31.63 0.00
N LEU A 75 -22.03 31.14 -1.11
CA LEU A 75 -22.00 29.72 -1.41
C LEU A 75 -20.61 29.40 -1.95
N HIS A 76 -19.85 28.61 -1.21
CA HIS A 76 -18.44 28.45 -1.47
C HIS A 76 -17.87 27.24 -0.78
N GLY A 77 -16.66 26.88 -1.21
CA GLY A 77 -15.80 25.98 -0.47
C GLY A 77 -14.42 26.63 -0.38
N HIS A 78 -13.50 25.99 0.32
CA HIS A 78 -12.15 26.50 0.46
C HIS A 78 -11.19 25.61 -0.35
N HIS A 79 -10.60 26.19 -1.39
CA HIS A 79 -9.78 25.46 -2.34
C HIS A 79 -8.31 25.76 -2.17
N PRO A 80 -7.44 24.74 -2.37
CA PRO A 80 -6.00 24.96 -2.52
C PRO A 80 -5.72 25.64 -3.83
N ARG A 81 -4.55 26.28 -3.93
CA ARG A 81 -4.22 27.11 -5.07
C ARG A 81 -4.04 26.27 -6.30
N ASP A 82 -3.81 24.96 -6.15
CA ASP A 82 -3.67 24.15 -7.35
C ASP A 82 -4.97 23.40 -7.69
N CYS A 83 -6.09 23.83 -7.11
CA CYS A 83 -7.35 23.19 -7.51
C CYS A 83 -7.76 23.69 -8.90
N LEU A 84 -8.39 22.82 -9.65
CA LEU A 84 -8.97 23.17 -10.92
C LEU A 84 -9.95 24.35 -10.80
N PHE A 85 -10.57 24.49 -9.62
CA PHE A 85 -11.42 25.65 -9.34
C PHE A 85 -10.68 26.93 -9.74
N TYR A 86 -9.42 27.04 -9.35
CA TYR A 86 -8.63 28.20 -9.75
C TYR A 86 -7.98 28.04 -11.12
N LEU A 87 -7.42 26.86 -11.41
CA LEU A 87 -6.49 26.80 -12.53
C LEU A 87 -7.25 26.78 -13.83
N ARG A 88 -8.54 26.43 -13.77
CA ARG A 88 -9.42 26.59 -14.94
C ARG A 88 -9.45 28.04 -15.47
N ASP A 89 -9.18 28.99 -14.60
CA ASP A 89 -9.18 30.38 -15.01
C ASP A 89 -7.88 30.79 -15.71
N TRP A 90 -6.86 29.94 -15.67
CA TRP A 90 -5.64 30.22 -16.42
C TRP A 90 -5.85 29.99 -17.90
N THR A 91 -5.01 30.57 -18.72
CA THR A 91 -4.97 30.23 -20.14
C THR A 91 -4.28 28.89 -20.28
N ALA A 92 -4.54 28.17 -21.36
CA ALA A 92 -3.88 26.88 -21.59
C ALA A 92 -2.39 27.11 -21.77
N LEU A 93 -2.04 28.27 -22.32
CA LEU A 93 -0.67 28.66 -22.53
C LEU A 93 0.09 28.71 -21.20
N ARG A 94 -0.52 29.33 -20.20
CA ARG A 94 0.18 29.46 -18.93
C ARG A 94 0.28 28.12 -18.23
N LEU A 95 -0.78 27.31 -18.32
CA LEU A 95 -0.76 25.95 -17.77
C LEU A 95 0.33 25.15 -18.43
N GLN A 96 0.44 25.33 -19.73
CA GLN A 96 1.46 24.64 -20.51
C GLN A 96 2.84 25.07 -20.05
N LYS A 97 2.98 26.35 -19.70
CA LYS A 97 4.26 26.89 -19.24
C LYS A 97 4.66 26.20 -17.94
N LEU A 98 3.71 26.00 -17.03
CA LEU A 98 4.00 25.33 -15.77
C LEU A 98 4.50 23.92 -16.02
N LEU A 99 3.88 23.25 -16.99
CA LEU A 99 4.26 21.87 -17.32
C LEU A 99 5.65 21.89 -17.97
N GLN A 100 5.82 22.74 -18.97
CA GLN A 100 7.10 22.87 -19.66
C GLN A 100 8.26 23.16 -18.72
N ASP A 101 8.08 24.11 -17.81
CA ASP A 101 9.13 24.43 -16.86
C ASP A 101 9.53 23.26 -15.97
N ASN A 102 8.72 22.20 -15.95
CA ASN A 102 8.97 21.11 -15.04
C ASN A 102 9.20 19.84 -15.85
N ASN A 103 9.39 20.03 -17.14
CA ASN A 103 9.68 18.94 -18.04
C ASN A 103 8.59 17.84 -18.01
N VAL A 104 7.34 18.24 -17.80
CA VAL A 104 6.22 17.30 -17.88
C VAL A 104 5.64 17.35 -19.29
N MET A 105 5.61 16.19 -19.92
CA MET A 105 5.12 16.09 -21.30
C MET A 105 3.59 16.10 -21.40
N PHE A 106 3.07 16.69 -22.47
CA PHE A 106 1.63 16.68 -22.72
C PHE A 106 1.35 16.70 -24.22
N ASN A 107 0.15 16.30 -24.59
CA ASN A 107 -0.25 16.33 -25.97
C ASN A 107 -0.75 17.69 -26.42
N THR A 108 -0.48 18.02 -27.68
CA THR A 108 -1.04 19.18 -28.32
C THR A 108 -1.82 18.68 -29.53
N GLU A 109 -1.46 17.47 -29.98
CA GLU A 109 -2.18 16.81 -31.07
C GLU A 109 -2.87 15.54 -30.59
N PRO A 110 -3.96 15.16 -31.27
CA PRO A 110 -4.55 13.83 -31.03
C PRO A 110 -3.62 12.72 -31.54
N PRO A 111 -3.73 11.50 -30.98
CA PRO A 111 -2.92 10.38 -31.47
C PRO A 111 -3.18 10.06 -32.94
N GLY A 119 -15.89 18.21 -38.36
CA GLY A 119 -16.84 18.67 -37.36
C GLY A 119 -17.16 17.65 -36.30
N GLY A 120 -16.19 16.77 -36.02
CA GLY A 120 -16.37 15.74 -35.00
C GLY A 120 -16.37 16.34 -33.61
N GLY A 121 -15.56 17.37 -33.42
CA GLY A 121 -15.52 18.05 -32.14
C GLY A 121 -14.90 17.24 -31.01
N CYS A 122 -14.93 17.82 -29.83
CA CYS A 122 -14.27 17.27 -28.66
C CYS A 122 -14.66 15.81 -28.40
N ARG A 123 -13.65 14.97 -28.30
CA ARG A 123 -13.85 13.53 -28.20
C ARG A 123 -14.07 13.05 -26.76
N VAL A 124 -13.91 13.93 -25.78
CA VAL A 124 -14.19 13.54 -24.39
C VAL A 124 -15.63 13.03 -24.29
N ILE A 125 -15.81 11.83 -23.74
CA ILE A 125 -17.14 11.32 -23.62
C ILE A 125 -17.70 11.71 -22.26
N GLU A 126 -18.88 12.34 -22.28
CA GLU A 126 -19.50 12.88 -21.07
C GLU A 126 -20.54 11.92 -20.48
N GLN A 127 -21.20 12.33 -19.41
CA GLN A 127 -22.35 11.58 -18.92
C GLN A 127 -23.47 11.66 -19.94
N LYS A 128 -24.08 10.52 -20.25
CA LYS A 128 -25.20 10.53 -21.19
C LYS A 128 -26.39 11.27 -20.59
N GLU A 129 -27.16 11.97 -21.44
CA GLU A 129 -28.38 12.62 -20.97
C GLU A 129 -29.46 11.60 -20.59
N VAL A 130 -29.36 10.40 -21.14
CA VAL A 130 -30.23 9.29 -20.79
C VAL A 130 -29.39 8.14 -20.23
N PRO A 131 -29.48 7.90 -18.92
CA PRO A 131 -28.54 6.98 -18.24
C PRO A 131 -28.50 5.58 -18.83
N ASN A 132 -29.65 5.05 -19.26
CA ASN A 132 -29.68 3.69 -19.77
C ASN A 132 -29.41 3.64 -21.26
N GLY A 133 -28.93 4.76 -21.82
CA GLY A 133 -28.61 4.83 -23.24
C GLY A 133 -27.56 3.81 -23.62
N LEU A 134 -27.56 3.38 -24.87
CA LEU A 134 -26.56 2.40 -25.33
C LEU A 134 -25.19 3.05 -25.53
N ARG A 135 -25.13 4.03 -26.42
CA ARG A 135 -23.86 4.58 -26.87
C ARG A 135 -23.41 5.77 -26.02
N ASP A 136 -22.10 6.02 -25.99
CA ASP A 136 -21.54 7.15 -25.23
C ASP A 136 -21.82 8.48 -25.94
N GLU A 137 -21.89 9.56 -25.17
CA GLU A 137 -22.10 10.89 -25.73
C GLU A 137 -20.83 11.76 -25.70
N ALA A 138 -20.24 12.00 -26.86
CA ALA A 138 -19.05 12.84 -26.98
C ALA A 138 -19.37 14.31 -26.70
N CYS A 139 -18.39 15.02 -26.15
CA CYS A 139 -18.54 16.43 -25.87
C CYS A 139 -18.93 17.20 -27.14
N GLY A 140 -18.22 16.97 -28.23
CA GLY A 140 -18.58 17.55 -29.52
C GLY A 140 -18.19 19.00 -29.73
N LYS A 141 -17.69 19.65 -28.68
CA LYS A 141 -17.42 21.08 -28.74
C LYS A 141 -16.25 21.42 -29.67
N GLU A 142 -16.13 22.71 -30.02
CA GLU A 142 -15.03 23.21 -30.85
C GLU A 142 -13.66 22.74 -30.33
N THR A 143 -12.78 22.35 -31.25
CA THR A 143 -11.46 21.82 -30.86
C THR A 143 -10.32 22.69 -31.39
N PRO A 144 -9.84 23.64 -30.57
CA PRO A 144 -8.79 24.55 -31.02
C PRO A 144 -7.56 23.80 -31.52
N ALA A 145 -6.88 24.41 -32.49
CA ALA A 145 -5.65 23.84 -33.00
C ALA A 145 -4.66 23.74 -31.84
N GLY A 146 -4.15 22.54 -31.60
CA GLY A 146 -3.13 22.38 -30.59
C GLY A 146 -3.69 22.04 -29.22
N TYR A 147 -4.99 21.74 -29.17
CA TYR A 147 -5.62 21.38 -27.91
C TYR A 147 -5.90 19.87 -27.93
N ALA A 148 -5.08 19.17 -28.71
CA ALA A 148 -5.07 17.70 -28.78
C ALA A 148 -6.43 17.06 -29.12
N GLY A 149 -7.25 17.73 -29.92
CA GLY A 149 -8.56 17.20 -30.29
C GLY A 149 -9.58 17.32 -29.17
N LEU A 150 -9.27 18.15 -28.18
CA LEU A 150 -10.19 18.49 -27.09
C LEU A 150 -10.69 19.92 -27.22
N CYS A 151 -11.83 20.23 -26.59
CA CYS A 151 -12.26 21.62 -26.50
C CYS A 151 -11.46 22.35 -25.43
N GLN A 152 -11.69 23.66 -25.32
CA GLN A 152 -10.90 24.51 -24.44
C GLN A 152 -10.98 24.07 -22.98
N ALA A 153 -12.19 23.89 -22.47
CA ALA A 153 -12.41 23.49 -21.08
C ALA A 153 -11.78 22.12 -20.77
N HIS A 154 -11.98 21.16 -21.69
CA HIS A 154 -11.49 19.80 -21.48
C HIS A 154 -9.96 19.71 -21.63
N TYR A 155 -9.39 20.43 -22.59
CA TYR A 155 -7.94 20.49 -22.69
C TYR A 155 -7.31 21.10 -21.42
N LYS A 156 -7.92 22.15 -20.87
CA LYS A 156 -7.46 22.75 -19.62
C LYS A 156 -7.53 21.76 -18.45
N GLU A 157 -8.65 21.03 -18.40
CA GLU A 157 -8.84 20.00 -17.39
C GLU A 157 -7.77 18.91 -17.52
N TYR A 158 -7.48 18.51 -18.75
CA TYR A 158 -6.37 17.59 -19.03
C TYR A 158 -5.03 18.14 -18.52
N LEU A 159 -4.71 19.39 -18.88
CA LEU A 159 -3.46 20.02 -18.42
C LEU A 159 -3.37 20.03 -16.90
N VAL A 160 -4.48 20.36 -16.25
CA VAL A 160 -4.49 20.45 -14.80
C VAL A 160 -4.33 19.07 -14.14
N SER A 161 -4.89 18.04 -14.75
CA SER A 161 -4.73 16.69 -14.21
C SER A 161 -3.25 16.27 -14.23
N LEU A 162 -2.54 16.62 -15.30
CA LEU A 162 -1.09 16.43 -15.35
C LEU A 162 -0.35 17.27 -14.31
N ILE A 163 -0.78 18.51 -14.15
CA ILE A 163 -0.17 19.42 -13.18
C ILE A 163 -0.31 18.88 -11.76
N ASN A 164 -1.54 18.46 -11.44
CA ASN A 164 -1.84 17.88 -10.13
C ASN A 164 -1.13 16.53 -9.92
N ALA A 165 -1.14 15.69 -10.96
CA ALA A 165 -0.50 14.37 -10.85
C ALA A 165 0.99 14.51 -10.48
N HIS A 166 1.66 15.52 -11.01
CA HIS A 166 3.07 15.69 -10.69
C HIS A 166 3.29 16.71 -9.59
N SER A 167 2.22 17.05 -8.87
CA SER A 167 2.26 18.06 -7.79
C SER A 167 3.01 19.37 -8.13
N LEU A 168 2.81 19.92 -9.32
CA LEU A 168 3.46 21.18 -9.68
C LEU A 168 2.80 22.34 -8.93
N ASP A 169 3.60 23.30 -8.47
CA ASP A 169 3.09 24.43 -7.71
C ASP A 169 2.85 25.62 -8.62
N PRO A 170 1.58 26.01 -8.79
CA PRO A 170 1.28 27.14 -9.67
C PRO A 170 1.89 28.44 -9.14
N ALA A 171 2.15 28.51 -7.83
CA ALA A 171 2.73 29.73 -7.23
C ALA A 171 4.07 30.07 -7.87
N THR A 172 4.81 29.05 -8.31
CA THR A 172 6.10 29.26 -8.97
C THR A 172 5.98 30.21 -10.16
N LEU A 173 4.78 30.37 -10.70
CA LEU A 173 4.61 31.29 -11.82
C LEU A 173 3.87 32.55 -11.41
N TYR A 174 3.59 32.74 -10.13
CA TYR A 174 2.83 33.92 -9.73
C TYR A 174 3.62 35.21 -9.92
N GLU A 175 2.88 36.26 -10.25
CA GLU A 175 3.36 37.62 -10.13
C GLU A 175 3.29 38.00 -8.66
N VAL A 176 3.93 39.11 -8.30
CA VAL A 176 3.88 39.63 -6.94
C VAL A 176 2.43 39.83 -6.48
N GLU A 177 1.57 40.36 -7.34
CA GLU A 177 0.15 40.55 -7.02
C GLU A 177 -0.53 39.24 -6.63
N GLU A 178 -0.31 38.22 -7.46
CA GLU A 178 -0.85 36.89 -7.18
C GLU A 178 -0.28 36.38 -5.87
N LEU A 179 0.98 36.70 -5.62
CA LEU A 179 1.62 36.22 -4.41
C LEU A 179 1.06 36.91 -3.18
N GLU A 180 0.64 38.16 -3.35
CA GLU A 180 0.04 38.93 -2.27
C GLU A 180 -1.35 38.39 -1.99
N THR A 181 -2.09 38.17 -3.07
CA THR A 181 -3.41 37.54 -2.98
C THR A 181 -3.35 36.25 -2.20
N ALA A 182 -2.45 35.36 -2.63
CA ALA A 182 -2.30 34.05 -2.03
C ALA A 182 -1.93 34.13 -0.55
N THR A 183 -1.08 35.10 -0.23
CA THR A 183 -0.62 35.29 1.13
C THR A 183 -1.76 35.72 2.05
N GLU A 184 -2.50 36.73 1.62
CA GLU A 184 -3.72 37.09 2.33
C GLU A 184 -4.65 35.89 2.46
N ARG A 185 -4.88 35.21 1.34
CA ARG A 185 -5.89 34.13 1.30
C ARG A 185 -5.56 32.97 2.20
N TYR A 186 -4.31 32.48 2.11
CA TYR A 186 -3.95 31.27 2.81
C TYR A 186 -3.21 31.54 4.14
N LEU A 187 -2.59 32.71 4.26
CA LEU A 187 -1.85 33.02 5.48
C LEU A 187 -2.54 34.08 6.33
N HIS A 188 -3.55 34.74 5.77
CA HIS A 188 -4.35 35.71 6.50
C HIS A 188 -3.48 36.84 7.04
N VAL A 189 -2.46 37.19 6.26
CA VAL A 189 -1.67 38.37 6.57
C VAL A 189 -1.52 39.18 5.30
N ARG A 190 -1.63 40.49 5.44
CA ARG A 190 -1.35 41.37 4.31
C ARG A 190 0.15 41.60 4.32
N PRO A 191 0.84 41.13 3.27
CA PRO A 191 2.28 41.31 3.24
C PRO A 191 2.63 42.71 2.75
N GLN A 192 3.81 43.20 3.11
CA GLN A 192 4.31 44.45 2.57
C GLN A 192 5.82 44.40 2.41
N PRO A 193 6.35 45.05 1.38
CA PRO A 193 7.80 45.09 1.18
C PRO A 193 8.57 45.57 2.41
N LEU A 194 9.79 45.09 2.54
CA LEU A 194 10.68 45.54 3.60
C LEU A 194 11.38 46.82 3.17
N ALA A 195 12.07 47.44 4.13
CA ALA A 195 12.88 48.60 3.81
C ALA A 195 13.86 48.23 2.73
N GLY A 196 13.77 48.91 1.59
CA GLY A 196 14.67 48.66 0.49
C GLY A 196 14.62 47.23 -0.04
N GLU A 197 13.42 46.68 -0.13
CA GLU A 197 13.25 45.41 -0.82
C GLU A 197 12.83 45.69 -2.26
N ASP A 198 13.64 45.22 -3.20
CA ASP A 198 13.30 45.27 -4.62
C ASP A 198 12.17 44.29 -4.94
N PRO A 199 11.48 44.52 -6.07
CA PRO A 199 10.41 43.59 -6.45
C PRO A 199 10.86 42.11 -6.59
N PRO A 200 12.02 41.83 -7.20
CA PRO A 200 12.39 40.41 -7.24
C PRO A 200 12.55 39.79 -5.85
N ALA A 201 13.25 40.48 -4.95
CA ALA A 201 13.48 39.97 -3.61
C ALA A 201 12.18 39.77 -2.83
N TYR A 202 11.28 40.73 -2.96
CA TYR A 202 9.95 40.67 -2.36
C TYR A 202 9.21 39.44 -2.91
N GLN A 203 9.22 39.33 -4.23
CA GLN A 203 8.60 38.19 -4.92
C GLN A 203 9.09 36.87 -4.36
N ALA A 204 10.42 36.71 -4.30
CA ALA A 204 11.00 35.46 -3.82
C ALA A 204 10.70 35.25 -2.34
N ARG A 205 10.62 36.33 -1.57
CA ARG A 205 10.28 36.17 -0.14
C ARG A 205 8.83 35.68 0.08
N LEU A 206 7.88 36.26 -0.64
CA LEU A 206 6.50 35.83 -0.49
C LEU A 206 6.34 34.37 -0.92
N LEU A 207 6.95 34.04 -2.05
CA LEU A 207 6.88 32.69 -2.59
C LEU A 207 7.49 31.65 -1.65
N GLN A 208 8.62 32.00 -1.05
CA GLN A 208 9.29 31.10 -0.12
C GLN A 208 8.39 30.77 1.06
N LYS A 209 7.82 31.80 1.67
CA LYS A 209 6.94 31.61 2.81
C LYS A 209 5.66 30.85 2.43
N LEU A 210 5.12 31.16 1.26
CA LEU A 210 3.91 30.51 0.79
C LEU A 210 4.13 29.01 0.63
N THR A 211 5.15 28.66 -0.15
CA THR A 211 5.49 27.26 -0.36
C THR A 211 5.87 26.58 0.96
N GLU A 212 6.59 27.29 1.82
CA GLU A 212 7.01 26.72 3.08
C GLU A 212 5.83 26.45 4.02
N GLU A 213 4.89 27.36 4.09
CA GLU A 213 3.84 27.22 5.09
C GLU A 213 2.53 26.63 4.56
N VAL A 214 2.28 26.79 3.25
CA VAL A 214 0.99 26.38 2.68
C VAL A 214 1.12 25.22 1.69
N PRO A 215 0.76 24.01 2.13
CA PRO A 215 0.85 22.87 1.21
C PRO A 215 -0.04 23.02 0.00
N LEU A 216 0.31 22.32 -1.08
CA LEU A 216 -0.62 22.11 -2.19
C LEU A 216 -1.79 21.27 -1.72
N GLY A 217 -2.78 21.08 -2.59
CA GLY A 217 -3.97 20.28 -2.27
C GLY A 217 -3.68 18.95 -1.55
N GLN A 218 -4.33 18.74 -0.41
CA GLN A 218 -4.01 17.62 0.47
C GLN A 218 -4.83 16.38 0.16
N SER A 219 -5.90 16.55 -0.62
CA SER A 219 -6.74 15.43 -1.02
C SER A 219 -6.73 15.25 -2.53
N ILE A 220 -5.99 16.11 -3.21
CA ILE A 220 -5.78 15.94 -4.64
C ILE A 220 -4.88 14.74 -4.88
N PRO A 221 -5.36 13.76 -5.68
CA PRO A 221 -4.59 12.55 -6.02
C PRO A 221 -3.26 12.87 -6.70
N ARG A 222 -2.15 12.35 -6.17
CA ARG A 222 -0.81 12.61 -6.68
C ARG A 222 -0.10 11.42 -7.32
N ARG A 223 1.11 11.68 -7.82
CA ARG A 223 1.98 10.72 -8.51
C ARG A 223 1.47 10.38 -9.90
N ASN B 20 9.04 -21.85 10.18
CA ASN B 20 9.24 -20.43 9.85
C ASN B 20 10.66 -19.96 10.11
N GLY B 21 11.17 -19.09 9.25
CA GLY B 21 12.50 -18.52 9.43
C GLY B 21 12.69 -17.27 8.58
N ILE B 22 13.91 -17.07 8.12
CA ILE B 22 14.22 -15.89 7.33
C ILE B 22 14.74 -16.27 5.94
N ASP B 23 13.92 -16.07 4.93
CA ASP B 23 14.33 -16.24 3.54
C ASP B 23 15.03 -14.99 3.02
N CYS B 24 16.22 -15.14 2.46
CA CYS B 24 16.86 -14.02 1.77
C CYS B 24 15.98 -13.61 0.60
N PRO B 25 15.53 -12.35 0.57
CA PRO B 25 14.57 -12.03 -0.48
C PRO B 25 15.23 -12.01 -1.87
N LYS B 26 16.55 -12.06 -1.92
CA LYS B 26 17.22 -12.10 -3.22
C LYS B 26 17.43 -13.53 -3.74
N CYS B 27 18.10 -14.38 -2.96
CA CYS B 27 18.49 -15.72 -3.42
C CYS B 27 17.60 -16.82 -2.84
N LYS B 28 16.67 -16.42 -1.97
CA LYS B 28 15.63 -17.28 -1.43
C LYS B 28 16.12 -18.40 -0.52
N PHE B 29 17.40 -18.35 -0.16
CA PHE B 29 17.95 -19.31 0.78
C PHE B 29 17.32 -19.11 2.15
N SER B 30 17.08 -20.20 2.88
CA SER B 30 16.35 -20.09 4.15
C SER B 30 17.28 -20.13 5.35
N TYR B 31 17.11 -19.14 6.24
CA TYR B 31 17.90 -19.05 7.46
C TYR B 31 17.01 -19.22 8.68
N ALA B 32 17.59 -19.72 9.77
CA ALA B 32 16.91 -19.75 11.05
C ALA B 32 16.70 -18.34 11.56
N LEU B 33 15.46 -18.03 11.91
CA LEU B 33 15.16 -16.73 12.47
C LEU B 33 15.93 -16.59 13.79
N ALA B 34 16.97 -15.78 13.76
CA ALA B 34 17.77 -15.56 14.96
C ALA B 34 18.36 -14.16 14.92
N ARG B 35 17.51 -13.16 15.10
CA ARG B 35 17.86 -11.76 14.86
C ARG B 35 19.07 -11.28 15.70
N GLY B 36 19.08 -11.64 16.97
CA GLY B 36 20.16 -11.23 17.85
C GLY B 36 20.02 -9.77 18.24
N GLY B 37 18.79 -9.31 18.32
CA GLY B 37 18.54 -7.94 18.75
C GLY B 37 18.78 -6.89 17.68
N CYS B 38 19.19 -7.32 16.49
CA CYS B 38 19.48 -6.40 15.40
C CYS B 38 18.67 -6.76 14.14
N MET B 39 18.15 -5.77 13.43
CA MET B 39 17.31 -6.02 12.23
C MET B 39 18.11 -6.30 10.97
N HIS B 40 19.40 -6.05 11.03
CA HIS B 40 20.27 -6.24 9.87
C HIS B 40 20.45 -7.71 9.58
N PHE B 41 20.33 -8.09 8.30
CA PHE B 41 20.67 -9.46 7.92
C PHE B 41 21.57 -9.46 6.69
N HIS B 42 22.64 -10.24 6.76
CA HIS B 42 23.56 -10.40 5.63
C HIS B 42 23.44 -11.82 5.07
N CYS B 43 23.06 -11.95 3.80
CA CYS B 43 23.01 -13.27 3.20
C CYS B 43 24.40 -13.68 2.76
N THR B 44 25.01 -14.64 3.46
CA THR B 44 26.35 -15.09 3.13
C THR B 44 26.34 -15.91 1.85
N GLN B 45 25.14 -16.27 1.40
CA GLN B 45 25.00 -17.01 0.15
C GLN B 45 25.07 -16.07 -1.05
N CYS B 46 24.46 -14.89 -0.95
CA CYS B 46 24.47 -13.99 -2.10
C CYS B 46 24.90 -12.55 -1.77
N ARG B 47 25.36 -12.34 -0.54
CA ARG B 47 25.85 -11.03 -0.05
C ARG B 47 24.77 -9.95 0.07
N HIS B 48 23.51 -10.31 -0.14
CA HIS B 48 22.42 -9.34 -0.03
C HIS B 48 22.32 -8.80 1.40
N GLN B 49 22.04 -7.51 1.52
CA GLN B 49 21.84 -6.93 2.82
C GLN B 49 20.39 -6.46 2.90
N PHE B 50 19.69 -6.87 3.95
CA PHE B 50 18.27 -6.58 4.06
C PHE B 50 17.78 -6.61 5.49
N CYS B 51 16.57 -6.07 5.70
CA CYS B 51 15.91 -6.07 7.00
C CYS B 51 15.18 -7.38 7.28
N SER B 52 15.49 -8.02 8.40
CA SER B 52 14.86 -9.30 8.72
C SER B 52 13.41 -9.12 9.17
N GLY B 53 12.93 -7.88 9.21
CA GLY B 53 11.58 -7.60 9.66
C GLY B 53 10.61 -7.33 8.53
N CYS B 54 11.12 -6.73 7.46
CA CYS B 54 10.29 -6.31 6.34
C CYS B 54 10.90 -6.68 5.00
N TYR B 55 12.10 -7.28 5.03
CA TYR B 55 12.79 -7.79 3.86
C TYR B 55 13.18 -6.72 2.84
N ASN B 56 13.16 -5.46 3.26
CA ASN B 56 13.70 -4.41 2.40
C ASN B 56 15.22 -4.37 2.52
N ALA B 57 15.88 -3.91 1.46
CA ALA B 57 17.33 -3.93 1.40
C ALA B 57 17.94 -2.83 2.27
N PHE B 58 19.10 -3.11 2.86
CA PHE B 58 19.90 -2.09 3.54
C PHE B 58 20.95 -1.54 2.59
N TYR B 59 21.07 -0.22 2.53
CA TYR B 59 22.01 0.42 1.62
C TYR B 59 23.12 1.11 2.40
N ALA B 60 24.35 0.98 1.89
CA ALA B 60 25.51 1.68 2.43
C ALA B 60 25.26 3.18 2.35
N LYS B 61 26.06 3.96 3.08
CA LYS B 61 25.91 5.41 3.00
C LYS B 61 26.11 5.85 1.56
N ASN B 62 25.21 6.74 1.12
CA ASN B 62 25.21 7.30 -0.24
C ASN B 62 24.83 6.33 -1.36
N LYS B 63 24.49 5.09 -1.02
CA LYS B 63 24.23 4.09 -2.06
C LYS B 63 22.76 3.89 -2.42
N CYS B 64 21.82 4.45 -1.66
CA CYS B 64 20.41 4.19 -1.90
C CYS B 64 19.99 4.70 -3.27
N PRO B 65 19.30 3.84 -4.04
CA PRO B 65 18.80 4.17 -5.38
C PRO B 65 17.42 4.82 -5.38
N GLU B 66 16.71 4.76 -4.27
CA GLU B 66 15.35 5.28 -4.23
C GLU B 66 15.33 6.78 -4.51
N PRO B 67 14.58 7.18 -5.55
CA PRO B 67 14.47 8.54 -6.07
C PRO B 67 14.26 9.61 -4.99
N ASN B 68 13.18 9.52 -4.23
CA ASN B 68 12.86 10.56 -3.26
C ASN B 68 13.55 10.38 -1.90
N CYS B 69 14.62 9.59 -1.84
CA CYS B 69 15.23 9.28 -0.55
C CYS B 69 15.80 10.50 0.14
N ARG B 70 15.27 10.77 1.33
CA ARG B 70 15.61 11.95 2.11
C ARG B 70 16.75 11.71 3.09
N VAL B 71 17.27 10.49 3.13
CA VAL B 71 18.36 10.16 4.05
C VAL B 71 19.49 9.39 3.35
N LYS B 72 19.75 9.71 2.10
CA LYS B 72 20.66 8.92 1.28
C LYS B 72 22.09 8.87 1.82
N LYS B 73 22.47 9.83 2.64
CA LYS B 73 23.82 9.84 3.19
C LYS B 73 23.94 8.87 4.37
N SER B 74 22.83 8.23 4.73
CA SER B 74 22.87 7.32 5.87
C SER B 74 22.89 5.85 5.47
N LEU B 75 23.36 5.04 6.39
CA LEU B 75 23.28 3.59 6.25
C LEU B 75 21.88 3.21 6.71
N HIS B 76 21.03 2.80 5.77
CA HIS B 76 19.60 2.67 6.05
C HIS B 76 18.88 1.72 5.11
N GLY B 77 17.66 1.36 5.51
CA GLY B 77 16.73 0.66 4.65
C GLY B 77 15.40 1.43 4.73
N HIS B 78 14.46 1.14 3.84
CA HIS B 78 13.14 1.78 3.92
C HIS B 78 12.10 0.80 4.45
N HIS B 79 11.72 0.98 5.72
CA HIS B 79 10.81 0.07 6.40
C HIS B 79 9.40 0.58 6.35
N PRO B 80 8.41 -0.33 6.18
CA PRO B 80 7.02 0.11 6.37
C PRO B 80 6.76 0.33 7.86
N ARG B 81 5.72 1.08 8.19
CA ARG B 81 5.47 1.49 9.56
C ARG B 81 5.17 0.31 10.49
N ASP B 82 4.81 -0.85 9.94
CA ASP B 82 4.58 -1.98 10.82
C ASP B 82 5.79 -2.93 10.87
N CYS B 83 6.97 -2.45 10.45
CA CYS B 83 8.18 -3.25 10.67
C CYS B 83 8.57 -3.28 12.15
N LEU B 84 9.05 -4.43 12.61
CA LEU B 84 9.64 -4.50 13.94
C LEU B 84 10.72 -3.42 14.13
N PHE B 85 11.35 -2.98 13.04
CA PHE B 85 12.32 -1.90 13.08
C PHE B 85 11.69 -0.74 13.83
N TYR B 86 10.42 -0.46 13.55
CA TYR B 86 9.72 0.58 14.29
C TYR B 86 9.04 0.05 15.54
N LEU B 87 8.37 -1.08 15.43
CA LEU B 87 7.44 -1.44 16.49
C LEU B 87 8.18 -1.89 17.73
N ARG B 88 9.47 -2.23 17.56
CA ARG B 88 10.29 -2.62 18.72
C ARG B 88 10.45 -1.46 19.69
N ASP B 89 10.18 -0.26 19.20
CA ASP B 89 10.32 0.92 20.05
C ASP B 89 9.05 1.25 20.78
N TRP B 90 7.99 0.46 20.57
CA TRP B 90 6.75 0.64 21.32
C TRP B 90 6.94 -0.04 22.64
N THR B 91 6.17 0.36 23.65
CA THR B 91 6.09 -0.40 24.89
C THR B 91 5.26 -1.66 24.62
N ALA B 92 5.44 -2.70 25.43
CA ALA B 92 4.64 -3.93 25.31
C ALA B 92 3.12 -3.65 25.45
N LEU B 93 2.76 -2.80 26.40
CA LEU B 93 1.39 -2.31 26.60
C LEU B 93 0.71 -1.81 25.33
N ARG B 94 1.40 -0.97 24.58
CA ARG B 94 0.81 -0.37 23.39
C ARG B 94 0.69 -1.41 22.29
N LEU B 95 1.67 -2.31 22.20
CA LEU B 95 1.57 -3.41 21.24
C LEU B 95 0.39 -4.28 21.62
N GLN B 96 0.23 -4.53 22.91
CA GLN B 96 -0.89 -5.34 23.40
C GLN B 96 -2.20 -4.66 23.10
N LYS B 97 -2.21 -3.34 23.23
CA LYS B 97 -3.41 -2.56 22.97
C LYS B 97 -3.84 -2.79 21.53
N LEU B 98 -2.90 -2.73 20.60
CA LEU B 98 -3.28 -2.97 19.21
C LEU B 98 -3.85 -4.37 19.01
N LEU B 99 -3.26 -5.36 19.69
CA LEU B 99 -3.78 -6.71 19.56
C LEU B 99 -5.17 -6.81 20.22
N GLN B 100 -5.32 -6.21 21.39
CA GLN B 100 -6.56 -6.30 22.12
C GLN B 100 -7.71 -5.64 21.36
N ASP B 101 -7.47 -4.43 20.87
CA ASP B 101 -8.47 -3.70 20.11
C ASP B 101 -8.96 -4.46 18.88
N ASN B 102 -8.22 -5.50 18.48
CA ASN B 102 -8.54 -6.20 17.27
C ASN B 102 -8.90 -7.64 17.61
N ASN B 103 -9.05 -7.89 18.90
CA ASN B 103 -9.44 -9.18 19.37
C ASN B 103 -8.43 -10.28 18.95
N VAL B 104 -7.13 -9.95 18.88
CA VAL B 104 -6.14 -11.01 18.59
C VAL B 104 -5.57 -11.50 19.91
N MET B 105 -5.71 -12.80 20.14
CA MET B 105 -5.16 -13.49 21.31
C MET B 105 -3.63 -13.48 21.37
N PHE B 106 -3.10 -13.25 22.57
CA PHE B 106 -1.67 -13.42 22.84
C PHE B 106 -1.48 -13.94 24.26
N ASN B 107 -0.31 -14.49 24.54
CA ASN B 107 0.02 -14.94 25.88
C ASN B 107 0.66 -13.85 26.73
N THR B 108 0.52 -14.00 28.04
CA THR B 108 1.14 -13.10 29.01
C THR B 108 1.84 -13.98 30.05
N GLU B 109 1.47 -15.26 30.02
CA GLU B 109 2.04 -16.28 30.89
C GLU B 109 2.76 -17.36 30.09
N PRO B 110 3.78 -17.99 30.69
CA PRO B 110 4.39 -19.14 30.00
C PRO B 110 3.44 -20.33 30.02
N PRO B 111 3.64 -21.30 29.13
CA PRO B 111 2.82 -22.51 29.24
C PRO B 111 3.15 -23.27 30.53
N ALA B 112 2.31 -24.22 30.92
CA ALA B 112 2.52 -24.91 32.18
C ALA B 112 3.08 -26.32 31.95
N GLY B 119 16.26 -16.62 37.79
CA GLY B 119 16.90 -17.91 37.69
C GLY B 119 17.28 -18.30 36.27
N GLY B 120 16.33 -18.93 35.57
CA GLY B 120 16.57 -19.40 34.21
C GLY B 120 16.45 -18.31 33.17
N GLY B 121 15.51 -17.39 33.36
CA GLY B 121 15.34 -16.31 32.42
C GLY B 121 14.69 -16.70 31.09
N CYS B 122 14.83 -15.83 30.10
CA CYS B 122 14.12 -15.98 28.84
C CYS B 122 14.45 -17.29 28.13
N ARG B 123 13.39 -17.96 27.69
CA ARG B 123 13.49 -19.34 27.23
C ARG B 123 13.71 -19.44 25.73
N VAL B 124 13.70 -18.30 25.06
CA VAL B 124 13.95 -18.27 23.64
C VAL B 124 15.34 -18.80 23.33
N ILE B 125 15.43 -19.85 22.53
CA ILE B 125 16.75 -20.31 22.14
C ILE B 125 17.27 -19.41 21.05
N GLU B 126 18.49 -18.93 21.23
CA GLU B 126 19.13 -18.07 20.25
C GLU B 126 20.16 -18.86 19.46
N GLN B 127 20.69 -18.23 18.42
CA GLN B 127 21.76 -18.82 17.65
C GLN B 127 22.93 -19.09 18.58
N LYS B 128 23.49 -20.29 18.50
CA LYS B 128 24.50 -20.71 19.47
C LYS B 128 25.85 -20.02 19.22
N GLU B 129 26.58 -19.74 20.32
CA GLU B 129 27.93 -19.16 20.23
C GLU B 129 28.89 -20.07 19.47
N VAL B 130 28.82 -21.37 19.74
CA VAL B 130 29.65 -22.36 19.04
C VAL B 130 28.76 -23.17 18.11
N PRO B 131 28.83 -22.91 16.80
CA PRO B 131 27.92 -23.44 15.78
C PRO B 131 27.84 -24.97 15.72
N ASN B 132 28.81 -25.71 16.23
CA ASN B 132 28.71 -27.16 16.24
C ASN B 132 28.49 -27.71 17.65
N GLY B 133 28.11 -26.83 18.57
CA GLY B 133 27.78 -27.22 19.93
C GLY B 133 26.57 -28.13 19.98
N LEU B 134 26.50 -28.97 21.02
CA LEU B 134 25.42 -29.95 21.11
C LEU B 134 24.11 -29.32 21.57
N ARG B 135 24.19 -28.53 22.64
CA ARG B 135 22.99 -28.07 23.32
C ARG B 135 22.73 -26.60 23.03
N ASP B 136 21.47 -26.26 22.75
CA ASP B 136 21.08 -24.89 22.47
C ASP B 136 21.30 -23.97 23.67
N GLU B 137 21.30 -22.67 23.42
CA GLU B 137 21.48 -21.67 24.48
C GLU B 137 20.29 -20.71 24.58
N ALA B 138 19.56 -20.79 25.69
CA ALA B 138 18.50 -19.85 25.95
C ALA B 138 18.99 -18.41 25.97
N CYS B 139 18.05 -17.50 25.79
CA CYS B 139 18.37 -16.10 25.89
C CYS B 139 18.80 -15.79 27.32
N GLY B 140 18.07 -16.30 28.29
CA GLY B 140 18.41 -16.11 29.70
C GLY B 140 18.15 -14.72 30.30
N LYS B 141 17.66 -13.77 29.52
CA LYS B 141 17.49 -12.43 30.08
C LYS B 141 16.31 -12.35 31.05
N GLU B 142 16.26 -11.28 31.83
CA GLU B 142 15.19 -11.10 32.81
C GLU B 142 13.81 -11.28 32.17
N THR B 143 12.92 -11.99 32.86
CA THR B 143 11.57 -12.23 32.38
C THR B 143 10.54 -11.45 33.21
N PRO B 144 10.02 -10.34 32.68
CA PRO B 144 9.07 -9.53 33.45
C PRO B 144 7.71 -10.18 33.62
N ALA B 145 7.03 -9.85 34.70
CA ALA B 145 5.71 -10.40 34.94
C ALA B 145 4.81 -9.98 33.78
N GLY B 146 4.15 -10.94 33.16
CA GLY B 146 3.26 -10.64 32.07
C GLY B 146 3.89 -10.74 30.70
N TYR B 147 5.16 -11.11 30.65
CA TYR B 147 5.81 -11.21 29.35
C TYR B 147 5.99 -12.66 28.92
N ALA B 148 5.10 -13.51 29.43
CA ALA B 148 4.95 -14.90 28.98
C ALA B 148 6.22 -15.76 29.12
N GLY B 149 7.12 -15.39 30.03
CA GLY B 149 8.36 -16.13 30.20
C GLY B 149 9.45 -15.69 29.24
N LEU B 150 9.21 -14.60 28.53
CA LEU B 150 10.23 -14.02 27.66
C LEU B 150 10.79 -12.75 28.27
N CYS B 151 11.95 -12.32 27.77
CA CYS B 151 12.45 -10.97 28.11
C CYS B 151 11.70 -9.90 27.32
N GLN B 152 12.04 -8.64 27.60
CA GLN B 152 11.34 -7.51 26.98
C GLN B 152 11.46 -7.53 25.46
N ALA B 153 12.68 -7.65 24.93
CA ALA B 153 12.88 -7.67 23.48
C ALA B 153 12.13 -8.82 22.82
N HIS B 154 12.23 -10.01 23.40
CA HIS B 154 11.67 -11.19 22.73
C HIS B 154 10.13 -11.17 22.85
N TYR B 155 9.59 -10.66 23.96
CA TYR B 155 8.14 -10.52 24.11
C TYR B 155 7.59 -9.49 23.10
N LYS B 156 8.29 -8.39 22.91
CA LYS B 156 7.90 -7.41 21.92
C LYS B 156 7.93 -8.06 20.54
N GLU B 157 8.97 -8.85 20.29
CA GLU B 157 9.12 -9.54 19.01
C GLU B 157 7.92 -10.49 18.74
N TYR B 158 7.48 -11.16 19.77
CA TYR B 158 6.35 -12.09 19.71
C TYR B 158 5.04 -11.37 19.41
N LEU B 159 4.82 -10.27 20.14
CA LEU B 159 3.66 -9.41 19.91
C LEU B 159 3.66 -8.89 18.47
N VAL B 160 4.82 -8.45 18.00
CA VAL B 160 4.94 -7.96 16.64
C VAL B 160 4.70 -9.05 15.59
N SER B 161 5.14 -10.28 15.84
CA SER B 161 4.86 -11.37 14.91
C SER B 161 3.33 -11.61 14.79
N LEU B 162 2.61 -11.55 15.91
CA LEU B 162 1.14 -11.63 15.87
C LEU B 162 0.47 -10.42 15.18
N ILE B 163 0.92 -9.22 15.52
CA ILE B 163 0.44 -7.99 14.86
C ILE B 163 0.62 -8.11 13.33
N ASN B 164 1.80 -8.57 12.94
CA ASN B 164 2.14 -8.75 11.54
C ASN B 164 1.39 -9.90 10.87
N ALA B 165 1.20 -10.98 11.60
CA ALA B 165 0.52 -12.14 11.01
C ALA B 165 -0.93 -11.77 10.70
N HIS B 166 -1.54 -10.99 11.60
CA HIS B 166 -2.94 -10.58 11.39
C HIS B 166 -3.09 -9.25 10.65
N SER B 167 -1.99 -8.72 10.13
CA SER B 167 -2.00 -7.45 9.38
C SER B 167 -2.65 -6.27 10.13
N LEU B 168 -2.38 -6.16 11.43
CA LEU B 168 -2.85 -5.01 12.17
C LEU B 168 -1.99 -3.80 11.78
N ASP B 169 -2.65 -2.65 11.61
CA ASP B 169 -2.02 -1.40 11.21
C ASP B 169 -1.76 -0.57 12.45
N PRO B 170 -0.47 -0.37 12.81
CA PRO B 170 -0.20 0.44 14.01
C PRO B 170 -0.72 1.89 13.90
N ALA B 171 -0.88 2.40 12.68
CA ALA B 171 -1.39 3.76 12.48
C ALA B 171 -2.75 3.95 13.13
N THR B 172 -3.58 2.90 13.20
CA THR B 172 -4.85 3.01 13.92
C THR B 172 -4.67 3.50 15.35
N LEU B 173 -3.48 3.39 15.92
CA LEU B 173 -3.27 3.94 17.28
C LEU B 173 -2.46 5.26 17.28
N TYR B 174 -2.08 5.79 16.11
CA TYR B 174 -1.23 6.99 16.11
C TYR B 174 -1.98 8.19 16.69
N GLU B 175 -1.27 8.94 17.53
CA GLU B 175 -1.62 10.34 17.79
C GLU B 175 -1.48 11.17 16.50
N VAL B 176 -2.03 12.37 16.52
CA VAL B 176 -1.92 13.31 15.41
C VAL B 176 -0.47 13.55 15.01
N GLU B 177 0.38 13.73 16.02
CA GLU B 177 1.79 13.95 15.79
C GLU B 177 2.44 12.78 15.03
N GLU B 178 2.03 11.57 15.39
CA GLU B 178 2.56 10.40 14.71
C GLU B 178 1.97 10.31 13.31
N LEU B 179 0.72 10.72 13.18
CA LEU B 179 0.14 10.68 11.85
C LEU B 179 0.86 11.66 10.96
N GLU B 180 1.22 12.82 11.49
CA GLU B 180 1.96 13.81 10.70
C GLU B 180 3.35 13.33 10.33
N THR B 181 4.05 12.74 11.29
CA THR B 181 5.37 12.16 11.00
C THR B 181 5.27 11.18 9.84
N ALA B 182 4.29 10.30 9.93
CA ALA B 182 4.07 9.26 8.93
C ALA B 182 3.72 9.79 7.53
N THR B 183 2.89 10.83 7.45
CA THR B 183 2.54 11.36 6.12
C THR B 183 3.76 12.02 5.51
N GLU B 184 4.53 12.74 6.32
CA GLU B 184 5.81 13.27 5.86
C GLU B 184 6.73 12.16 5.40
N ARG B 185 6.90 11.17 6.27
CA ARG B 185 7.80 10.06 6.02
C ARG B 185 7.46 9.31 4.75
N TYR B 186 6.18 8.96 4.59
CA TYR B 186 5.80 8.05 3.52
C TYR B 186 5.18 8.72 2.31
N LEU B 187 4.60 9.90 2.52
CA LEU B 187 3.94 10.64 1.44
C LEU B 187 4.73 11.90 1.05
N HIS B 188 5.75 12.25 1.82
CA HIS B 188 6.64 13.37 1.48
C HIS B 188 5.90 14.70 1.36
N VAL B 189 4.79 14.84 2.08
CA VAL B 189 4.09 16.12 2.17
C VAL B 189 3.85 16.44 3.63
N ARG B 190 3.70 17.72 3.92
CA ARG B 190 3.38 18.15 5.27
C ARG B 190 1.92 18.49 5.35
N PRO B 191 1.17 17.78 6.20
CA PRO B 191 -0.25 18.05 6.35
C PRO B 191 -0.52 19.25 7.25
N GLN B 192 -1.71 19.82 7.14
CA GLN B 192 -2.19 20.87 8.03
C GLN B 192 -3.69 20.75 8.08
N PRO B 193 -4.29 21.15 9.20
CA PRO B 193 -5.76 21.06 9.27
C PRO B 193 -6.44 21.93 8.21
N LEU B 194 -7.64 21.54 7.78
CA LEU B 194 -8.34 22.27 6.74
C LEU B 194 -9.39 23.23 7.30
N ALA B 195 -9.90 24.10 6.43
CA ALA B 195 -11.00 24.97 6.78
C ALA B 195 -12.13 24.16 7.41
N GLY B 196 -12.48 24.49 8.64
CA GLY B 196 -13.60 23.90 9.32
C GLY B 196 -13.30 22.54 9.92
N GLU B 197 -12.02 22.21 10.01
CA GLU B 197 -11.60 20.88 10.46
C GLU B 197 -11.13 20.86 11.92
N ASP B 198 -11.96 20.27 12.79
CA ASP B 198 -11.61 19.98 14.18
C ASP B 198 -10.53 18.89 14.25
N PRO B 199 -9.71 18.89 15.33
CA PRO B 199 -8.63 17.90 15.43
C PRO B 199 -9.05 16.42 15.26
N PRO B 200 -10.21 16.00 15.79
CA PRO B 200 -10.60 14.61 15.48
C PRO B 200 -10.83 14.35 14.00
N ALA B 201 -11.40 15.30 13.27
CA ALA B 201 -11.64 15.11 11.85
C ALA B 201 -10.31 15.10 11.11
N TYR B 202 -9.40 15.97 11.56
CA TYR B 202 -8.04 16.05 11.08
C TYR B 202 -7.30 14.71 11.24
N GLN B 203 -7.25 14.23 12.48
CA GLN B 203 -6.66 12.94 12.78
C GLN B 203 -7.26 11.86 11.87
N ALA B 204 -8.59 11.87 11.74
CA ALA B 204 -9.28 10.87 10.92
C ALA B 204 -8.91 11.01 9.45
N ARG B 205 -8.83 12.23 8.95
CA ARG B 205 -8.40 12.43 7.56
C ARG B 205 -6.95 11.98 7.31
N LEU B 206 -6.04 12.26 8.24
CA LEU B 206 -4.65 11.87 8.04
C LEU B 206 -4.55 10.35 8.05
N LEU B 207 -5.19 9.73 9.03
CA LEU B 207 -5.27 8.26 9.10
C LEU B 207 -5.86 7.67 7.82
N GLN B 208 -6.96 8.23 7.33
CA GLN B 208 -7.59 7.68 6.13
C GLN B 208 -6.66 7.74 4.91
N LYS B 209 -5.98 8.87 4.75
CA LYS B 209 -5.12 9.07 3.58
C LYS B 209 -3.89 8.20 3.63
N LEU B 210 -3.33 8.04 4.83
CA LEU B 210 -2.16 7.18 5.01
C LEU B 210 -2.52 5.74 4.62
N THR B 211 -3.63 5.24 5.14
CA THR B 211 -3.99 3.86 4.87
C THR B 211 -4.33 3.63 3.39
N GLU B 212 -5.03 4.57 2.76
CA GLU B 212 -5.34 4.43 1.35
C GLU B 212 -4.08 4.41 0.53
N GLU B 213 -3.19 5.37 0.79
CA GLU B 213 -2.01 5.58 -0.05
C GLU B 213 -0.86 4.66 0.30
N VAL B 214 -0.61 4.46 1.59
CA VAL B 214 0.50 3.63 2.04
C VAL B 214 -0.03 2.37 2.70
N PRO B 215 -0.50 1.42 1.89
CA PRO B 215 -1.08 0.25 2.55
C PRO B 215 0.04 -0.61 3.15
N LEU B 216 -0.29 -1.41 4.16
CA LEU B 216 0.67 -2.40 4.64
C LEU B 216 1.06 -3.30 3.48
N GLY B 217 2.34 -3.61 3.35
CA GLY B 217 2.76 -4.52 2.29
C GLY B 217 2.74 -6.00 2.67
N GLN B 218 3.00 -6.88 1.69
CA GLN B 218 2.98 -8.32 1.95
C GLN B 218 4.38 -8.93 2.05
N SER B 219 5.41 -8.09 2.02
CA SER B 219 6.75 -8.61 2.17
C SER B 219 6.90 -9.15 3.58
N ILE B 220 6.30 -8.43 4.53
CA ILE B 220 6.03 -8.98 5.83
C ILE B 220 5.02 -10.12 5.68
N PRO B 221 5.42 -11.35 6.05
CA PRO B 221 4.56 -12.55 5.88
C PRO B 221 3.20 -12.41 6.61
N ARG B 222 2.10 -12.56 5.88
CA ARG B 222 0.76 -12.40 6.46
C ARG B 222 0.05 -13.75 6.58
N ARG B 223 -0.80 -13.88 7.60
CA ARG B 223 -1.57 -15.09 7.83
C ARG B 223 -3.02 -14.93 7.39
N ASN C 20 -26.39 -4.37 -30.68
CA ASN C 20 -25.99 -4.49 -29.29
C ASN C 20 -27.19 -4.58 -28.34
N GLY C 21 -27.62 -3.41 -27.86
CA GLY C 21 -28.68 -3.30 -26.89
C GLY C 21 -30.07 -3.26 -27.52
N ILE C 22 -31.00 -2.58 -26.87
CA ILE C 22 -32.36 -2.62 -27.37
C ILE C 22 -32.92 -1.26 -27.82
N ASP C 23 -33.47 -1.28 -29.03
CA ASP C 23 -34.04 -0.12 -29.69
C ASP C 23 -35.54 -0.01 -29.45
N CYS C 24 -35.96 1.13 -28.91
CA CYS C 24 -37.36 1.46 -28.87
C CYS C 24 -37.96 1.20 -30.25
N PRO C 25 -38.95 0.28 -30.35
CA PRO C 25 -39.47 -0.01 -31.68
C PRO C 25 -40.20 1.20 -32.27
N LYS C 26 -40.48 2.20 -31.43
CA LYS C 26 -41.20 3.41 -31.83
C LYS C 26 -40.25 4.49 -32.36
N CYS C 27 -39.35 4.99 -31.51
CA CYS C 27 -38.46 6.09 -31.90
C CYS C 27 -37.02 5.66 -32.16
N LYS C 28 -36.77 4.35 -32.04
CA LYS C 28 -35.46 3.75 -32.28
C LYS C 28 -34.29 4.32 -31.48
N PHE C 29 -34.56 5.07 -30.41
CA PHE C 29 -33.50 5.41 -29.47
C PHE C 29 -32.86 4.12 -28.99
N SER C 30 -31.54 4.12 -28.81
CA SER C 30 -30.84 2.92 -28.44
C SER C 30 -30.53 2.86 -26.95
N TYR C 31 -31.04 1.83 -26.28
CA TYR C 31 -30.79 1.64 -24.86
C TYR C 31 -29.80 0.50 -24.61
N ALA C 32 -29.22 0.47 -23.41
CA ALA C 32 -28.35 -0.62 -22.99
C ALA C 32 -29.19 -1.79 -22.55
N LEU C 33 -28.92 -2.97 -23.12
CA LEU C 33 -29.79 -4.12 -22.86
C LEU C 33 -29.63 -4.60 -21.42
N ALA C 34 -30.20 -3.82 -20.50
CA ALA C 34 -30.28 -4.20 -19.11
C ALA C 34 -31.74 -4.40 -18.77
N ARG C 35 -32.08 -5.58 -18.25
CA ARG C 35 -33.48 -5.98 -18.10
C ARG C 35 -33.94 -5.93 -16.65
N GLY C 36 -33.01 -6.15 -15.74
CA GLY C 36 -33.34 -6.23 -14.32
C GLY C 36 -34.43 -7.23 -14.05
N GLY C 37 -34.44 -8.33 -14.79
CA GLY C 37 -35.40 -9.40 -14.56
C GLY C 37 -36.85 -9.03 -14.85
N CYS C 38 -37.07 -7.99 -15.64
CA CYS C 38 -38.41 -7.61 -16.02
C CYS C 38 -38.50 -7.32 -17.50
N MET C 39 -39.55 -7.84 -18.15
CA MET C 39 -39.73 -7.67 -19.60
C MET C 39 -40.23 -6.28 -20.01
N HIS C 40 -40.85 -5.57 -19.09
CA HIS C 40 -41.45 -4.27 -19.40
C HIS C 40 -40.37 -3.21 -19.68
N PHE C 41 -40.50 -2.46 -20.77
CA PHE C 41 -39.56 -1.38 -21.02
C PHE C 41 -40.26 -0.07 -21.33
N HIS C 42 -39.79 0.99 -20.69
CA HIS C 42 -40.37 2.31 -20.86
C HIS C 42 -39.38 3.26 -21.57
N CYS C 43 -39.75 3.70 -22.77
CA CYS C 43 -38.89 4.63 -23.52
C CYS C 43 -39.10 6.05 -23.00
N THR C 44 -38.09 6.57 -22.30
CA THR C 44 -38.17 7.92 -21.75
C THR C 44 -38.15 8.99 -22.85
N GLN C 45 -37.80 8.57 -24.06
CA GLN C 45 -37.69 9.49 -25.18
C GLN C 45 -39.01 9.68 -25.93
N CYS C 46 -39.93 8.71 -25.88
CA CYS C 46 -41.21 8.94 -26.52
C CYS C 46 -42.38 8.43 -25.71
N ARG C 47 -42.10 7.98 -24.48
CA ARG C 47 -43.11 7.48 -23.54
C ARG C 47 -43.67 6.09 -23.91
N HIS C 48 -43.17 5.49 -24.99
CA HIS C 48 -43.62 4.17 -25.43
C HIS C 48 -43.26 3.03 -24.49
N GLN C 49 -44.23 2.15 -24.24
CA GLN C 49 -43.99 0.99 -23.39
C GLN C 49 -44.11 -0.31 -24.18
N PHE C 50 -43.18 -1.22 -23.94
CA PHE C 50 -43.10 -2.39 -24.78
C PHE C 50 -42.32 -3.50 -24.10
N CYS C 51 -42.37 -4.67 -24.75
CA CYS C 51 -41.66 -5.84 -24.30
C CYS C 51 -40.30 -5.91 -24.95
N SER C 52 -39.27 -5.98 -24.12
CA SER C 52 -37.89 -5.99 -24.62
C SER C 52 -37.52 -7.36 -25.12
N GLY C 53 -38.47 -8.27 -25.04
CA GLY C 53 -38.28 -9.60 -25.54
C GLY C 53 -38.74 -9.65 -26.97
N CYS C 54 -39.83 -8.96 -27.27
CA CYS C 54 -40.40 -9.13 -28.60
C CYS C 54 -40.85 -7.82 -29.24
N TYR C 55 -40.67 -6.71 -28.53
CA TYR C 55 -40.82 -5.37 -29.08
C TYR C 55 -42.26 -5.03 -29.44
N ASN C 56 -43.19 -5.84 -28.95
CA ASN C 56 -44.60 -5.50 -29.01
C ASN C 56 -44.99 -4.60 -27.83
N ALA C 57 -45.98 -3.73 -28.04
CA ALA C 57 -46.43 -2.76 -27.03
C ALA C 57 -46.93 -3.39 -25.73
N PHE C 58 -46.64 -2.74 -24.62
CA PHE C 58 -47.35 -3.05 -23.39
C PHE C 58 -48.52 -2.09 -23.28
N TYR C 59 -49.70 -2.60 -22.98
CA TYR C 59 -50.87 -1.75 -22.82
C TYR C 59 -51.29 -1.71 -21.35
N ALA C 60 -51.68 -0.53 -20.88
CA ALA C 60 -52.26 -0.41 -19.55
C ALA C 60 -53.67 -0.96 -19.61
N LYS C 61 -54.28 -1.13 -18.44
CA LYS C 61 -55.58 -1.78 -18.37
C LYS C 61 -56.63 -1.02 -19.21
N ASN C 62 -57.45 -1.79 -19.92
CA ASN C 62 -58.53 -1.30 -20.78
C ASN C 62 -58.08 -0.55 -22.03
N LYS C 63 -56.79 -0.58 -22.33
CA LYS C 63 -56.24 0.30 -23.36
C LYS C 63 -55.78 -0.42 -24.62
N CYS C 64 -55.64 -1.73 -24.55
CA CYS C 64 -55.27 -2.51 -25.72
C CYS C 64 -56.29 -2.29 -26.83
N PRO C 65 -55.80 -2.04 -28.06
CA PRO C 65 -56.73 -1.85 -29.18
C PRO C 65 -56.97 -3.11 -29.99
N GLU C 66 -56.35 -4.22 -29.62
CA GLU C 66 -56.53 -5.45 -30.38
C GLU C 66 -58.01 -5.83 -30.43
N PRO C 67 -58.50 -6.19 -31.63
CA PRO C 67 -59.92 -6.46 -31.86
C PRO C 67 -60.43 -7.68 -31.09
N ASN C 68 -59.72 -8.79 -31.20
CA ASN C 68 -60.16 -10.03 -30.56
C ASN C 68 -59.44 -10.27 -29.23
N CYS C 69 -58.97 -9.20 -28.61
CA CYS C 69 -58.22 -9.36 -27.36
C CYS C 69 -59.11 -9.79 -26.21
N ARG C 70 -58.79 -10.95 -25.65
CA ARG C 70 -59.57 -11.53 -24.57
C ARG C 70 -59.09 -11.08 -23.17
N VAL C 71 -58.06 -10.25 -23.11
CA VAL C 71 -57.58 -9.79 -21.80
C VAL C 71 -57.47 -8.28 -21.73
N LYS C 72 -58.46 -7.58 -22.26
CA LYS C 72 -58.35 -6.12 -22.34
C LYS C 72 -58.32 -5.45 -20.96
N LYS C 73 -58.91 -6.08 -19.97
CA LYS C 73 -58.96 -5.50 -18.63
C LYS C 73 -57.63 -5.65 -17.89
N SER C 74 -56.65 -6.24 -18.55
CA SER C 74 -55.36 -6.44 -17.90
C SER C 74 -54.27 -5.57 -18.46
N LEU C 75 -53.27 -5.33 -17.62
CA LEU C 75 -52.03 -4.73 -18.04
C LEU C 75 -51.20 -5.81 -18.72
N HIS C 76 -51.02 -5.68 -20.04
CA HIS C 76 -50.40 -6.73 -20.85
C HIS C 76 -49.80 -6.25 -22.18
N GLY C 77 -49.04 -7.14 -22.81
CA GLY C 77 -48.74 -7.01 -24.23
C GLY C 77 -49.09 -8.32 -24.92
N HIS C 78 -48.97 -8.37 -26.25
CA HIS C 78 -49.23 -9.59 -27.00
C HIS C 78 -47.91 -10.22 -27.49
N HIS C 79 -47.52 -11.32 -26.87
CA HIS C 79 -46.22 -11.93 -27.13
C HIS C 79 -46.31 -13.16 -28.01
N PRO C 80 -45.38 -13.27 -28.98
CA PRO C 80 -45.17 -14.51 -29.72
C PRO C 80 -44.70 -15.60 -28.77
N ARG C 81 -44.88 -16.87 -29.13
CA ARG C 81 -44.56 -17.97 -28.22
C ARG C 81 -43.07 -18.14 -27.94
N ASP C 82 -42.20 -17.54 -28.76
CA ASP C 82 -40.77 -17.66 -28.52
C ASP C 82 -40.22 -16.40 -27.86
N CYS C 83 -41.09 -15.56 -27.32
CA CYS C 83 -40.61 -14.43 -26.51
C CYS C 83 -40.12 -14.95 -25.18
N LEU C 84 -39.10 -14.28 -24.65
CA LEU C 84 -38.61 -14.56 -23.31
C LEU C 84 -39.72 -14.41 -22.27
N PHE C 85 -40.72 -13.58 -22.56
CA PHE C 85 -41.90 -13.49 -21.71
C PHE C 85 -42.46 -14.87 -21.39
N TYR C 86 -42.54 -15.73 -22.39
CA TYR C 86 -42.96 -17.10 -22.12
C TYR C 86 -41.77 -17.99 -21.73
N LEU C 87 -40.66 -17.91 -22.46
CA LEU C 87 -39.63 -18.95 -22.33
C LEU C 87 -38.87 -18.85 -21.00
N ARG C 88 -38.96 -17.70 -20.32
CA ARG C 88 -38.36 -17.56 -18.99
C ARG C 88 -39.02 -18.51 -18.00
N ASP C 89 -40.21 -18.98 -18.31
CA ASP C 89 -40.88 -19.90 -17.41
C ASP C 89 -40.59 -21.35 -17.77
N TRP C 90 -39.76 -21.55 -18.78
CA TRP C 90 -39.23 -22.89 -19.07
C TRP C 90 -38.09 -23.19 -18.11
N THR C 91 -37.82 -24.48 -17.92
CA THR C 91 -36.62 -24.92 -17.23
C THR C 91 -35.40 -24.75 -18.13
N ALA C 92 -34.27 -24.52 -17.50
CA ALA C 92 -33.00 -24.49 -18.21
C ALA C 92 -32.82 -25.78 -19.04
N LEU C 93 -33.28 -26.90 -18.48
CA LEU C 93 -33.12 -28.20 -19.13
C LEU C 93 -33.93 -28.32 -20.42
N ARG C 94 -35.17 -27.82 -20.40
CA ARG C 94 -36.01 -27.88 -21.60
C ARG C 94 -35.51 -26.91 -22.68
N LEU C 95 -34.99 -25.77 -22.26
CA LEU C 95 -34.45 -24.80 -23.22
C LEU C 95 -33.20 -25.37 -23.90
N GLN C 96 -32.31 -25.96 -23.10
CA GLN C 96 -31.16 -26.72 -23.60
C GLN C 96 -31.57 -27.84 -24.57
N LYS C 97 -32.68 -28.50 -24.29
CA LYS C 97 -33.20 -29.57 -25.15
C LYS C 97 -33.60 -29.04 -26.54
N LEU C 98 -34.17 -27.84 -26.59
CA LEU C 98 -34.57 -27.28 -27.87
C LEU C 98 -33.32 -26.92 -28.70
N LEU C 99 -32.29 -26.45 -28.02
CA LEU C 99 -31.02 -26.12 -28.67
C LEU C 99 -30.29 -27.40 -29.13
N GLN C 100 -30.19 -28.38 -28.23
CA GLN C 100 -29.49 -29.62 -28.53
C GLN C 100 -30.12 -30.35 -29.71
N ASP C 101 -31.44 -30.45 -29.71
CA ASP C 101 -32.18 -31.05 -30.82
C ASP C 101 -31.91 -30.34 -32.15
N ASN C 102 -31.31 -29.16 -32.13
CA ASN C 102 -31.12 -28.41 -33.37
C ASN C 102 -29.64 -28.20 -33.59
N ASN C 103 -28.86 -28.96 -32.83
CA ASN C 103 -27.42 -28.91 -32.88
C ASN C 103 -26.86 -27.49 -32.76
N VAL C 104 -27.45 -26.68 -31.88
CA VAL C 104 -26.95 -25.34 -31.59
C VAL C 104 -26.13 -25.36 -30.31
N MET C 105 -24.90 -24.86 -30.37
CA MET C 105 -23.97 -24.99 -29.26
C MET C 105 -24.32 -23.97 -28.17
N PHE C 106 -24.09 -24.33 -26.91
CA PHE C 106 -24.21 -23.39 -25.82
C PHE C 106 -23.24 -23.73 -24.72
N ASN C 107 -22.85 -22.73 -23.95
CA ASN C 107 -22.03 -22.97 -22.78
C ASN C 107 -22.83 -23.50 -21.59
N THR C 108 -22.15 -24.31 -20.79
CA THR C 108 -22.68 -24.81 -19.53
C THR C 108 -21.63 -24.48 -18.48
N GLU C 109 -20.49 -23.99 -18.95
CA GLU C 109 -19.38 -23.59 -18.08
C GLU C 109 -18.90 -22.19 -18.42
N PRO C 110 -18.35 -21.48 -17.42
CA PRO C 110 -17.65 -20.21 -17.62
C PRO C 110 -16.24 -20.42 -18.16
N PRO C 111 -15.67 -19.40 -18.83
CA PRO C 111 -14.25 -19.50 -19.18
C PRO C 111 -13.35 -19.57 -17.95
N ALA C 112 -13.59 -18.67 -16.99
CA ALA C 112 -12.83 -18.58 -15.74
C ALA C 112 -11.32 -18.45 -15.99
N GLY C 119 -17.21 -16.18 -3.18
CA GLY C 119 -18.58 -16.29 -3.62
C GLY C 119 -18.95 -15.16 -4.57
N GLY C 120 -18.31 -15.14 -5.73
CA GLY C 120 -18.48 -14.09 -6.72
C GLY C 120 -19.86 -13.97 -7.35
N GLY C 121 -20.56 -15.10 -7.49
CA GLY C 121 -21.89 -15.09 -8.06
C GLY C 121 -21.98 -14.62 -9.50
N CYS C 122 -23.21 -14.47 -9.97
CA CYS C 122 -23.45 -14.19 -11.39
C CYS C 122 -22.68 -12.98 -11.94
N ARG C 123 -22.08 -13.16 -13.10
CA ARG C 123 -21.12 -12.16 -13.63
C ARG C 123 -21.76 -11.13 -14.54
N VAL C 124 -23.04 -11.33 -14.88
CA VAL C 124 -23.74 -10.38 -15.74
C VAL C 124 -23.77 -8.99 -15.10
N ILE C 125 -23.27 -7.99 -15.82
CA ILE C 125 -23.28 -6.62 -15.32
C ILE C 125 -24.63 -6.00 -15.59
N GLU C 126 -25.25 -5.48 -14.54
CA GLU C 126 -26.57 -4.93 -14.62
C GLU C 126 -26.54 -3.41 -14.60
N GLN C 127 -27.71 -2.81 -14.77
CA GLN C 127 -27.84 -1.37 -14.73
C GLN C 127 -27.56 -0.87 -13.32
N LYS C 128 -26.71 0.14 -13.20
CA LYS C 128 -26.37 0.69 -11.88
C LYS C 128 -27.56 1.34 -11.17
N GLU C 129 -27.55 1.25 -9.84
CA GLU C 129 -28.53 1.98 -9.05
C GLU C 129 -28.09 3.42 -8.85
N VAL C 130 -26.82 3.70 -9.13
CA VAL C 130 -26.35 5.07 -9.21
C VAL C 130 -25.81 5.31 -10.60
N PRO C 131 -26.51 6.13 -11.39
CA PRO C 131 -26.11 6.36 -12.79
C PRO C 131 -24.79 7.12 -12.93
N ASN C 132 -24.41 7.87 -11.89
CA ASN C 132 -23.13 8.56 -11.90
C ASN C 132 -21.99 7.61 -11.58
N GLY C 133 -22.37 6.44 -11.09
CA GLY C 133 -21.42 5.51 -10.49
C GLY C 133 -20.31 5.11 -11.42
N LEU C 134 -19.13 4.88 -10.84
CA LEU C 134 -17.93 4.53 -11.59
C LEU C 134 -17.89 3.03 -11.97
N ARG C 135 -17.96 2.18 -10.96
CA ARG C 135 -17.84 0.75 -11.19
C ARG C 135 -19.19 0.16 -11.58
N ASP C 136 -19.20 -0.62 -12.66
CA ASP C 136 -20.43 -1.30 -13.06
C ASP C 136 -20.73 -2.42 -12.08
N GLU C 137 -21.99 -2.87 -12.07
CA GLU C 137 -22.47 -3.77 -11.02
C GLU C 137 -22.88 -5.15 -11.53
N ALA C 138 -22.20 -6.18 -11.05
CA ALA C 138 -22.52 -7.56 -11.40
C ALA C 138 -23.82 -7.98 -10.76
N CYS C 139 -24.48 -8.96 -11.39
CA CYS C 139 -25.72 -9.50 -10.86
C CYS C 139 -25.49 -10.06 -9.46
N GLY C 140 -24.43 -10.88 -9.33
CA GLY C 140 -24.03 -11.45 -8.06
C GLY C 140 -24.86 -12.59 -7.52
N LYS C 141 -25.92 -12.98 -8.23
CA LYS C 141 -26.78 -14.02 -7.69
C LYS C 141 -26.15 -15.42 -7.73
N GLU C 142 -26.78 -16.37 -7.07
CA GLU C 142 -26.33 -17.78 -7.11
C GLU C 142 -26.00 -18.24 -8.53
N THR C 143 -24.95 -19.04 -8.64
CA THR C 143 -24.55 -19.62 -9.93
C THR C 143 -24.60 -21.14 -9.87
N PRO C 144 -25.75 -21.73 -10.25
CA PRO C 144 -25.90 -23.18 -10.21
C PRO C 144 -24.91 -23.88 -11.14
N ALA C 145 -24.53 -25.10 -10.78
CA ALA C 145 -23.61 -25.88 -11.60
C ALA C 145 -24.21 -26.05 -12.97
N GLY C 146 -23.43 -25.83 -14.01
CA GLY C 146 -23.89 -26.08 -15.35
C GLY C 146 -24.60 -24.88 -15.98
N TYR C 147 -24.57 -23.73 -15.30
CA TYR C 147 -25.28 -22.55 -15.80
C TYR C 147 -24.28 -21.50 -16.26
N ALA C 148 -23.09 -21.99 -16.62
CA ALA C 148 -22.04 -21.20 -17.24
C ALA C 148 -21.59 -19.97 -16.43
N GLY C 149 -21.81 -19.99 -15.12
CA GLY C 149 -21.41 -18.87 -14.29
C GLY C 149 -22.48 -17.80 -14.22
N LEU C 150 -23.69 -18.12 -14.66
CA LEU C 150 -24.78 -17.17 -14.57
C LEU C 150 -25.78 -17.64 -13.54
N CYS C 151 -26.63 -16.73 -13.07
CA CYS C 151 -27.77 -17.16 -12.25
C CYS C 151 -28.80 -17.82 -13.15
N GLN C 152 -29.86 -18.34 -12.55
CA GLN C 152 -30.87 -19.08 -13.30
C GLN C 152 -31.58 -18.18 -14.32
N ALA C 153 -31.95 -16.98 -13.88
CA ALA C 153 -32.71 -16.07 -14.76
C ALA C 153 -31.83 -15.64 -15.93
N HIS C 154 -30.56 -15.37 -15.67
CA HIS C 154 -29.68 -14.86 -16.71
C HIS C 154 -29.22 -15.98 -17.63
N TYR C 155 -29.04 -17.18 -17.09
CA TYR C 155 -28.73 -18.34 -17.93
C TYR C 155 -29.88 -18.63 -18.90
N LYS C 156 -31.10 -18.61 -18.37
CA LYS C 156 -32.29 -18.73 -19.22
C LYS C 156 -32.32 -17.65 -20.32
N GLU C 157 -32.08 -16.39 -19.96
CA GLU C 157 -32.00 -15.31 -20.95
C GLU C 157 -30.99 -15.63 -22.05
N TYR C 158 -29.84 -16.13 -21.63
CA TYR C 158 -28.78 -16.50 -22.57
C TYR C 158 -29.22 -17.60 -23.51
N LEU C 159 -29.81 -18.67 -22.98
CA LEU C 159 -30.33 -19.74 -23.82
C LEU C 159 -31.38 -19.17 -24.79
N VAL C 160 -32.24 -18.30 -24.29
CA VAL C 160 -33.33 -17.81 -25.14
C VAL C 160 -32.77 -16.96 -26.27
N SER C 161 -31.65 -16.25 -26.03
CA SER C 161 -31.10 -15.42 -27.08
C SER C 161 -30.59 -16.32 -28.21
N LEU C 162 -30.09 -17.51 -27.86
CA LEU C 162 -29.62 -18.46 -28.87
C LEU C 162 -30.82 -19.06 -29.64
N ILE C 163 -31.83 -19.48 -28.90
CA ILE C 163 -33.08 -19.99 -29.48
C ILE C 163 -33.68 -18.99 -30.48
N ASN C 164 -33.80 -17.75 -30.04
CA ASN C 164 -34.28 -16.69 -30.90
C ASN C 164 -33.37 -16.38 -32.09
N ALA C 165 -32.06 -16.31 -31.85
CA ALA C 165 -31.15 -16.01 -32.95
C ALA C 165 -31.32 -17.01 -34.09
N HIS C 166 -31.54 -18.27 -33.73
CA HIS C 166 -31.67 -19.33 -34.73
C HIS C 166 -33.11 -19.62 -35.13
N SER C 167 -34.06 -18.81 -34.66
CA SER C 167 -35.48 -19.02 -34.98
C SER C 167 -35.98 -20.42 -34.60
N LEU C 168 -35.50 -20.92 -33.47
CA LEU C 168 -35.96 -22.21 -32.98
C LEU C 168 -37.42 -22.08 -32.51
N ASP C 169 -38.25 -23.05 -32.87
CA ASP C 169 -39.67 -23.02 -32.51
C ASP C 169 -39.95 -23.81 -31.25
N PRO C 170 -40.29 -23.12 -30.15
CA PRO C 170 -40.57 -23.87 -28.92
C PRO C 170 -41.76 -24.86 -29.06
N ALA C 171 -42.67 -24.66 -30.01
CA ALA C 171 -43.82 -25.58 -30.13
C ALA C 171 -43.35 -27.01 -30.40
N THR C 172 -42.20 -27.16 -31.03
CA THR C 172 -41.69 -28.50 -31.33
C THR C 172 -41.44 -29.36 -30.09
N LEU C 173 -41.35 -28.71 -28.93
CA LEU C 173 -41.28 -29.45 -27.68
C LEU C 173 -42.62 -29.47 -26.89
N TYR C 174 -43.68 -28.88 -27.44
CA TYR C 174 -44.92 -28.76 -26.68
C TYR C 174 -45.61 -30.10 -26.41
N GLU C 175 -46.02 -30.30 -25.16
CA GLU C 175 -46.99 -31.35 -24.85
C GLU C 175 -48.33 -30.97 -25.44
N VAL C 176 -49.21 -31.96 -25.56
CA VAL C 176 -50.56 -31.77 -26.06
C VAL C 176 -51.30 -30.59 -25.40
N GLU C 177 -51.22 -30.49 -24.08
CA GLU C 177 -51.89 -29.42 -23.34
C GLU C 177 -51.37 -28.03 -23.75
N GLU C 178 -50.06 -27.94 -23.95
CA GLU C 178 -49.44 -26.70 -24.41
C GLU C 178 -49.88 -26.35 -25.83
N LEU C 179 -49.98 -27.35 -26.71
CA LEU C 179 -50.41 -27.08 -28.07
C LEU C 179 -51.83 -26.60 -28.04
N GLU C 180 -52.61 -27.19 -27.13
CA GLU C 180 -54.01 -26.80 -26.94
C GLU C 180 -54.13 -25.38 -26.39
N THR C 181 -53.37 -25.07 -25.34
CA THR C 181 -53.29 -23.70 -24.84
C THR C 181 -52.85 -22.75 -25.95
N ALA C 182 -51.81 -23.16 -26.66
CA ALA C 182 -51.28 -22.34 -27.74
C ALA C 182 -52.33 -22.07 -28.82
N THR C 183 -53.05 -23.10 -29.23
CA THR C 183 -54.05 -22.92 -30.30
C THR C 183 -55.19 -22.00 -29.86
N GLU C 184 -55.59 -22.07 -28.59
CA GLU C 184 -56.57 -21.12 -28.03
C GLU C 184 -56.02 -19.70 -28.08
N ARG C 185 -54.83 -19.52 -27.52
CA ARG C 185 -54.24 -18.20 -27.38
C ARG C 185 -54.05 -17.50 -28.73
N TYR C 186 -53.59 -18.25 -29.73
CA TYR C 186 -53.20 -17.60 -30.99
C TYR C 186 -54.17 -17.85 -32.13
N LEU C 187 -55.17 -18.67 -31.91
CA LEU C 187 -56.12 -18.97 -32.97
C LEU C 187 -57.56 -18.86 -32.48
N HIS C 188 -57.71 -18.59 -31.18
CA HIS C 188 -59.02 -18.34 -30.57
C HIS C 188 -60.02 -19.47 -30.79
N VAL C 189 -59.52 -20.68 -30.92
CA VAL C 189 -60.36 -21.85 -31.15
C VAL C 189 -59.86 -22.96 -30.26
N ARG C 190 -60.74 -23.91 -29.93
CA ARG C 190 -60.34 -24.95 -28.99
C ARG C 190 -60.27 -26.35 -29.62
N PRO C 191 -59.05 -26.88 -29.72
CA PRO C 191 -58.78 -28.13 -30.44
C PRO C 191 -59.33 -29.35 -29.71
N GLN C 192 -60.25 -30.06 -30.36
CA GLN C 192 -60.84 -31.26 -29.79
C GLN C 192 -60.24 -32.50 -30.48
N PRO C 193 -59.72 -33.45 -29.69
CA PRO C 193 -59.14 -34.67 -30.23
C PRO C 193 -60.14 -35.36 -31.14
N LEU C 194 -59.77 -35.56 -32.40
CA LEU C 194 -60.74 -35.99 -33.41
C LEU C 194 -60.80 -37.50 -33.64
N ALA C 195 -61.59 -37.88 -34.63
CA ALA C 195 -62.09 -39.25 -34.81
C ALA C 195 -61.01 -40.34 -34.90
N GLY C 196 -61.01 -41.23 -33.90
CA GLY C 196 -60.10 -42.36 -33.86
C GLY C 196 -58.64 -41.96 -33.91
N GLU C 197 -58.29 -40.88 -33.21
CA GLU C 197 -56.95 -40.31 -33.29
C GLU C 197 -56.15 -40.48 -32.00
N ASP C 198 -55.03 -41.19 -32.12
CA ASP C 198 -54.17 -41.49 -30.97
C ASP C 198 -53.38 -40.25 -30.49
N PRO C 199 -52.86 -40.32 -29.25
CA PRO C 199 -52.09 -39.18 -28.71
C PRO C 199 -50.92 -38.69 -29.60
N PRO C 200 -50.07 -39.59 -30.15
CA PRO C 200 -49.03 -39.04 -31.03
C PRO C 200 -49.61 -38.39 -32.29
N ALA C 201 -50.69 -38.96 -32.81
CA ALA C 201 -51.30 -38.45 -34.03
C ALA C 201 -51.93 -37.09 -33.76
N TYR C 202 -52.45 -36.94 -32.56
CA TYR C 202 -53.17 -35.72 -32.19
C TYR C 202 -52.20 -34.55 -31.99
N GLN C 203 -51.12 -34.85 -31.28
CA GLN C 203 -50.04 -33.90 -31.01
C GLN C 203 -49.47 -33.38 -32.33
N ALA C 204 -49.06 -34.30 -33.21
CA ALA C 204 -48.54 -33.94 -34.53
C ALA C 204 -49.52 -33.04 -35.33
N ARG C 205 -50.82 -33.33 -35.23
CA ARG C 205 -51.83 -32.58 -35.97
C ARG C 205 -51.83 -31.10 -35.59
N LEU C 206 -51.87 -30.82 -34.30
CA LEU C 206 -51.93 -29.44 -33.81
C LEU C 206 -50.64 -28.65 -34.01
N LEU C 207 -49.51 -29.35 -33.86
CA LEU C 207 -48.21 -28.77 -34.16
C LEU C 207 -48.19 -28.18 -35.56
N GLN C 208 -48.63 -29.01 -36.52
CA GLN C 208 -48.65 -28.63 -37.93
C GLN C 208 -49.43 -27.34 -38.15
N LYS C 209 -50.60 -27.24 -37.54
CA LYS C 209 -51.46 -26.08 -37.77
C LYS C 209 -50.90 -24.81 -37.14
N LEU C 210 -50.38 -24.90 -35.93
CA LEU C 210 -49.87 -23.71 -35.26
C LEU C 210 -48.71 -23.12 -36.04
N THR C 211 -47.77 -23.99 -36.41
CA THR C 211 -46.57 -23.53 -37.11
C THR C 211 -46.94 -22.93 -38.46
N GLU C 212 -47.96 -23.51 -39.09
CA GLU C 212 -48.41 -23.02 -40.39
C GLU C 212 -49.10 -21.67 -40.28
N GLU C 213 -49.84 -21.44 -39.20
CA GLU C 213 -50.69 -20.27 -39.12
C GLU C 213 -50.11 -19.18 -38.23
N VAL C 214 -49.30 -19.59 -37.26
CA VAL C 214 -48.79 -18.63 -36.31
C VAL C 214 -47.29 -18.55 -36.41
N PRO C 215 -46.80 -17.45 -37.00
CA PRO C 215 -45.36 -17.24 -37.14
C PRO C 215 -44.69 -16.96 -35.81
N LEU C 216 -43.43 -17.38 -35.68
CA LEU C 216 -42.61 -16.94 -34.57
C LEU C 216 -42.51 -15.40 -34.58
N GLY C 217 -42.02 -14.83 -33.48
CA GLY C 217 -41.90 -13.39 -33.34
C GLY C 217 -41.31 -12.70 -34.55
N GLN C 218 -42.04 -11.73 -35.09
CA GLN C 218 -41.68 -11.14 -36.35
C GLN C 218 -40.89 -9.86 -36.15
N SER C 219 -40.69 -9.46 -34.90
CA SER C 219 -39.84 -8.32 -34.58
C SER C 219 -38.65 -8.73 -33.70
N ILE C 220 -38.54 -10.03 -33.43
CA ILE C 220 -37.39 -10.57 -32.69
C ILE C 220 -36.24 -10.66 -33.66
N PRO C 221 -35.08 -10.07 -33.29
CA PRO C 221 -33.87 -10.08 -34.13
C PRO C 221 -33.39 -11.50 -34.45
N ARG C 222 -33.06 -11.76 -35.70
CA ARG C 222 -32.63 -13.08 -36.11
C ARG C 222 -31.25 -13.05 -36.76
N ARG C 223 -30.68 -14.25 -36.92
CA ARG C 223 -29.39 -14.59 -37.56
C ARG C 223 -28.33 -14.85 -36.51
N GLY D 21 26.22 -36.79 21.50
CA GLY D 21 27.24 -36.05 20.76
C GLY D 21 28.64 -36.45 21.17
N ILE D 22 29.59 -35.51 21.09
CA ILE D 22 30.93 -35.80 21.55
C ILE D 22 31.51 -34.69 22.43
N ASP D 23 32.07 -35.12 23.55
CA ASP D 23 32.70 -34.25 24.53
C ASP D 23 34.18 -34.14 24.25
N CYS D 24 34.69 -32.91 24.18
CA CYS D 24 36.12 -32.75 24.18
C CYS D 24 36.67 -33.44 25.42
N PRO D 25 37.52 -34.46 25.24
CA PRO D 25 38.01 -35.18 26.42
C PRO D 25 38.88 -34.30 27.34
N LYS D 26 39.22 -33.10 26.87
CA LYS D 26 40.02 -32.17 27.67
C LYS D 26 39.13 -31.23 28.47
N CYS D 27 38.39 -30.36 27.79
CA CYS D 27 37.56 -29.37 28.46
C CYS D 27 36.11 -29.78 28.61
N LYS D 28 35.77 -30.96 28.10
CA LYS D 28 34.44 -31.56 28.28
C LYS D 28 33.27 -30.74 27.70
N PHE D 29 33.57 -29.82 26.80
CA PHE D 29 32.52 -29.10 26.06
C PHE D 29 31.78 -30.09 25.18
N SER D 30 30.49 -29.86 24.98
CA SER D 30 29.67 -30.83 24.26
C SER D 30 29.40 -30.39 22.83
N TYR D 31 29.83 -31.23 21.90
CA TYR D 31 29.62 -30.97 20.48
C TYR D 31 28.56 -31.89 19.90
N ALA D 32 27.99 -31.46 18.77
CA ALA D 32 27.12 -32.30 17.98
C ALA D 32 27.96 -33.36 17.31
N LEU D 33 27.55 -34.62 17.39
CA LEU D 33 28.33 -35.68 16.76
C LEU D 33 28.20 -35.57 15.22
N ALA D 34 28.96 -34.65 14.66
CA ALA D 34 29.05 -34.53 13.21
C ALA D 34 30.49 -34.82 12.80
N ARG D 35 30.69 -35.91 12.06
CA ARG D 35 32.04 -36.33 11.67
C ARG D 35 32.38 -35.84 10.27
N GLY D 36 31.42 -35.95 9.36
CA GLY D 36 31.64 -35.58 7.97
C GLY D 36 32.68 -36.49 7.32
N GLY D 37 32.65 -37.76 7.70
CA GLY D 37 33.55 -38.74 7.11
C GLY D 37 35.01 -38.50 7.43
N CYS D 38 35.28 -37.73 8.48
CA CYS D 38 36.65 -37.54 8.95
C CYS D 38 36.73 -37.72 10.46
N MET D 39 37.76 -38.45 10.92
CA MET D 39 37.90 -38.81 12.33
C MET D 39 38.41 -37.66 13.17
N HIS D 40 39.15 -36.75 12.53
CA HIS D 40 39.80 -35.66 13.24
C HIS D 40 38.79 -34.71 13.88
N PHE D 41 39.03 -34.32 15.13
CA PHE D 41 38.19 -33.29 15.73
C PHE D 41 39.03 -32.21 16.45
N HIS D 42 38.63 -30.95 16.26
CA HIS D 42 39.32 -29.83 16.87
C HIS D 42 38.40 -29.06 17.82
N CYS D 43 38.77 -29.04 19.11
CA CYS D 43 37.98 -28.31 20.10
C CYS D 43 38.26 -26.82 19.99
N THR D 44 37.32 -26.06 19.43
CA THR D 44 37.52 -24.63 19.26
C THR D 44 37.57 -23.94 20.61
N GLN D 45 36.95 -24.56 21.61
CA GLN D 45 36.95 -24.03 22.95
C GLN D 45 38.32 -24.10 23.61
N CYS D 46 39.01 -25.23 23.51
CA CYS D 46 40.29 -25.37 24.21
C CYS D 46 41.46 -25.73 23.30
N ARG D 47 41.21 -25.80 21.99
CA ARG D 47 42.25 -26.07 20.98
C ARG D 47 42.77 -27.53 20.98
N HIS D 48 42.20 -28.40 21.83
CA HIS D 48 42.56 -29.82 21.80
C HIS D 48 42.12 -30.52 20.50
N GLN D 49 42.99 -31.38 19.99
CA GLN D 49 42.72 -32.12 18.77
C GLN D 49 42.74 -33.60 19.04
N PHE D 50 41.65 -34.28 18.68
CA PHE D 50 41.51 -35.65 19.07
C PHE D 50 40.68 -36.43 18.07
N CYS D 51 40.66 -37.74 18.26
CA CYS D 51 39.87 -38.64 17.46
C CYS D 51 38.45 -38.73 17.99
N SER D 52 37.47 -38.49 17.15
CA SER D 52 36.08 -38.54 17.59
C SER D 52 35.60 -39.98 17.68
N GLY D 53 36.49 -40.92 17.40
CA GLY D 53 36.15 -42.32 17.50
C GLY D 53 36.60 -42.91 18.80
N CYS D 54 37.79 -42.51 19.28
CA CYS D 54 38.33 -43.14 20.47
C CYS D 54 38.83 -42.10 21.47
N TYR D 55 38.78 -40.83 21.06
CA TYR D 55 39.05 -39.70 21.96
C TYR D 55 40.52 -39.55 22.36
N ASN D 56 41.41 -40.32 21.75
CA ASN D 56 42.83 -40.10 21.97
C ASN D 56 43.32 -38.91 21.17
N ALA D 57 44.44 -38.34 21.60
CA ALA D 57 44.92 -37.11 21.03
C ALA D 57 45.46 -37.28 19.62
N PHE D 58 45.25 -36.27 18.79
CA PHE D 58 45.97 -36.13 17.53
C PHE D 58 47.20 -35.23 17.71
N TYR D 59 48.34 -35.69 17.21
CA TYR D 59 49.55 -34.88 17.25
C TYR D 59 49.97 -34.51 15.85
N ALA D 60 50.40 -33.26 15.67
CA ALA D 60 50.99 -32.85 14.40
C ALA D 60 52.30 -33.58 14.25
N LYS D 61 52.91 -33.48 13.07
CA LYS D 61 54.12 -34.24 12.79
C LYS D 61 55.22 -33.88 13.80
N ASN D 62 55.95 -34.89 14.23
CA ASN D 62 57.02 -34.78 15.22
C ASN D 62 56.55 -34.38 16.63
N LYS D 63 55.28 -34.01 16.79
CA LYS D 63 54.81 -33.52 18.08
C LYS D 63 54.46 -34.61 19.09
N CYS D 64 54.37 -35.85 18.63
CA CYS D 64 53.90 -36.92 19.50
C CYS D 64 54.85 -37.21 20.65
N PRO D 65 54.33 -37.10 21.88
CA PRO D 65 55.11 -37.29 23.10
C PRO D 65 55.23 -38.75 23.50
N GLU D 66 54.48 -39.61 22.83
CA GLU D 66 54.44 -41.03 23.19
C GLU D 66 55.82 -41.67 23.21
N PRO D 67 56.08 -42.51 24.22
CA PRO D 67 57.37 -43.15 24.50
C PRO D 67 57.88 -44.11 23.42
N ASN D 68 57.03 -45.02 22.97
CA ASN D 68 57.47 -46.03 22.00
C ASN D 68 56.99 -45.75 20.59
N CYS D 69 56.52 -44.53 20.35
CA CYS D 69 55.94 -44.18 19.06
C CYS D 69 56.90 -44.34 17.89
N ARG D 70 56.51 -45.19 16.95
CA ARG D 70 57.31 -45.48 15.78
C ARG D 70 56.89 -44.62 14.57
N VAL D 71 55.88 -43.79 14.73
CA VAL D 71 55.45 -42.90 13.64
C VAL D 71 55.46 -41.45 14.09
N LYS D 72 56.50 -41.09 14.84
CA LYS D 72 56.57 -39.75 15.39
C LYS D 72 56.57 -38.66 14.32
N LYS D 73 57.01 -38.98 13.11
CA LYS D 73 57.06 -37.97 12.05
C LYS D 73 55.73 -37.81 11.29
N SER D 74 54.74 -38.62 11.65
CA SER D 74 53.45 -38.56 10.97
C SER D 74 52.41 -37.76 11.76
N LEU D 75 51.51 -37.11 11.04
CA LEU D 75 50.35 -36.53 11.69
C LEU D 75 49.44 -37.68 12.08
N HIS D 76 49.31 -37.95 13.38
CA HIS D 76 48.62 -39.15 13.86
C HIS D 76 48.04 -39.09 15.26
N GLY D 77 47.24 -40.10 15.59
CA GLY D 77 46.85 -40.39 16.95
C GLY D 77 47.07 -41.87 17.16
N HIS D 78 46.92 -42.35 18.39
CA HIS D 78 47.04 -43.77 18.70
C HIS D 78 45.68 -44.37 18.99
N HIS D 79 45.21 -45.25 18.11
CA HIS D 79 43.84 -45.77 18.21
C HIS D 79 43.82 -47.20 18.68
N PRO D 80 42.89 -47.51 19.58
CA PRO D 80 42.58 -48.91 19.91
C PRO D 80 42.08 -49.63 18.66
N ARG D 81 42.18 -50.95 18.60
CA ARG D 81 41.78 -51.68 17.41
C ARG D 81 40.28 -51.54 17.08
N ASP D 82 39.47 -51.13 18.05
CA ASP D 82 38.02 -51.08 17.80
C ASP D 82 37.52 -49.67 17.56
N CYS D 83 38.43 -48.76 17.25
CA CYS D 83 38.04 -47.41 16.85
C CYS D 83 37.54 -47.41 15.43
N LEU D 84 36.59 -46.53 15.15
CA LEU D 84 36.15 -46.29 13.78
C LEU D 84 37.28 -45.97 12.82
N PHE D 85 38.35 -45.34 13.32
CA PHE D 85 39.53 -45.08 12.51
C PHE D 85 39.93 -46.34 11.79
N TYR D 86 39.91 -47.48 12.49
CA TYR D 86 40.22 -48.75 11.84
C TYR D 86 38.99 -49.44 11.22
N LEU D 87 37.90 -49.53 11.97
CA LEU D 87 36.80 -50.38 11.53
C LEU D 87 36.05 -49.80 10.33
N ARG D 88 36.20 -48.49 10.07
CA ARG D 88 35.68 -47.89 8.83
C ARG D 88 36.28 -48.51 7.55
N ASP D 89 37.39 -49.24 7.69
CA ASP D 89 38.02 -49.87 6.54
C ASP D 89 37.55 -51.31 6.35
N TRP D 90 36.80 -51.82 7.32
CA TRP D 90 36.14 -53.12 7.17
C TRP D 90 35.03 -53.04 6.15
N THR D 91 34.68 -54.18 5.56
CA THR D 91 33.44 -54.27 4.80
C THR D 91 32.25 -54.28 5.75
N ALA D 92 31.13 -53.79 5.26
CA ALA D 92 29.87 -53.87 6.00
C ALA D 92 29.59 -55.33 6.41
N LEU D 93 29.91 -56.23 5.50
CA LEU D 93 29.67 -57.66 5.72
C LEU D 93 30.49 -58.18 6.91
N ARG D 94 31.77 -57.81 6.98
CA ARG D 94 32.57 -58.22 8.13
C ARG D 94 32.10 -57.56 9.43
N LEU D 95 31.64 -56.31 9.38
CA LEU D 95 31.14 -55.66 10.60
C LEU D 95 29.86 -56.34 11.06
N GLN D 96 28.99 -56.69 10.11
CA GLN D 96 27.76 -57.44 10.41
C GLN D 96 28.05 -58.79 11.03
N LYS D 97 29.08 -59.45 10.52
CA LYS D 97 29.53 -60.75 11.02
C LYS D 97 29.93 -60.68 12.48
N LEU D 98 30.72 -59.67 12.84
CA LEU D 98 31.11 -59.47 14.24
C LEU D 98 29.88 -59.33 15.12
N LEU D 99 28.90 -58.59 14.62
CA LEU D 99 27.67 -58.36 15.37
C LEU D 99 26.87 -59.66 15.47
N GLN D 100 26.76 -60.38 14.37
CA GLN D 100 25.95 -61.61 14.33
C GLN D 100 26.49 -62.69 15.25
N ASP D 101 27.79 -62.95 15.16
CA ASP D 101 28.45 -63.90 16.05
C ASP D 101 28.23 -63.58 17.55
N ASN D 102 27.80 -62.37 17.84
CA ASN D 102 27.58 -61.98 19.23
C ASN D 102 26.10 -61.70 19.55
N ASN D 103 25.22 -62.07 18.61
CA ASN D 103 23.77 -61.97 18.80
C ASN D 103 23.36 -60.52 19.07
N VAL D 104 24.05 -59.57 18.42
CA VAL D 104 23.65 -58.18 18.48
C VAL D 104 22.80 -57.81 17.26
N MET D 105 21.60 -57.32 17.55
CA MET D 105 20.66 -56.86 16.54
C MET D 105 21.16 -55.63 15.76
N PHE D 106 20.95 -55.63 14.45
CA PHE D 106 21.16 -54.44 13.65
C PHE D 106 20.13 -54.37 12.53
N ASN D 107 19.83 -53.16 12.08
CA ASN D 107 18.93 -52.94 10.97
C ASN D 107 19.61 -53.12 9.62
N THR D 108 18.84 -53.63 8.66
CA THR D 108 19.30 -53.78 7.28
C THR D 108 18.38 -52.99 6.33
N GLU D 109 17.20 -52.61 6.82
CA GLU D 109 16.26 -51.84 6.04
C GLU D 109 15.93 -50.54 6.77
N PRO D 110 15.44 -49.52 6.04
CA PRO D 110 14.93 -48.32 6.69
C PRO D 110 13.56 -48.57 7.29
N PRO D 111 13.16 -47.82 8.31
CA PRO D 111 11.82 -48.03 8.88
C PRO D 111 10.69 -47.68 7.89
N ALA D 112 10.96 -46.75 6.98
CA ALA D 112 10.00 -46.34 5.95
C ALA D 112 8.63 -45.93 6.52
N GLY D 119 16.42 -41.90 -5.24
CA GLY D 119 16.68 -40.47 -5.43
C GLY D 119 16.69 -39.71 -4.12
N GLY D 120 16.01 -40.26 -3.11
CA GLY D 120 16.04 -39.67 -1.78
C GLY D 120 17.44 -39.64 -1.22
N GLY D 121 18.13 -40.77 -1.31
CA GLY D 121 19.50 -40.85 -0.83
C GLY D 121 19.60 -40.96 0.67
N CYS D 122 20.82 -41.06 1.18
CA CYS D 122 21.08 -41.28 2.59
C CYS D 122 20.40 -40.24 3.48
N ARG D 123 19.63 -40.72 4.44
CA ARG D 123 18.80 -39.87 5.29
C ARG D 123 19.53 -39.25 6.48
N VAL D 124 20.78 -39.67 6.72
CA VAL D 124 21.61 -39.11 7.80
C VAL D 124 21.72 -37.59 7.68
N ILE D 125 21.27 -36.86 8.70
CA ILE D 125 21.34 -35.40 8.64
C ILE D 125 22.69 -34.91 9.16
N GLU D 126 23.38 -34.15 8.32
CA GLU D 126 24.74 -33.74 8.61
C GLU D 126 24.81 -32.32 9.10
N GLN D 127 26.02 -31.88 9.40
CA GLN D 127 26.29 -30.52 9.83
C GLN D 127 26.12 -29.54 8.68
N LYS D 128 25.20 -28.58 8.84
CA LYS D 128 24.93 -27.59 7.80
C LYS D 128 26.19 -26.90 7.30
N GLU D 129 26.28 -26.71 5.98
CA GLU D 129 27.34 -25.90 5.42
C GLU D 129 27.18 -24.44 5.86
N VAL D 130 25.95 -23.94 5.81
CA VAL D 130 25.62 -22.61 6.30
C VAL D 130 25.05 -22.69 7.71
N PRO D 131 25.84 -22.25 8.70
CA PRO D 131 25.47 -22.44 10.11
C PRO D 131 24.20 -21.69 10.50
N ASN D 132 23.90 -20.59 9.80
CA ASN D 132 22.68 -19.80 10.02
C ASN D 132 21.46 -20.45 9.37
N GLY D 133 21.72 -21.44 8.53
CA GLY D 133 20.70 -22.06 7.70
C GLY D 133 19.54 -22.58 8.52
N LEU D 134 18.38 -22.74 7.87
CA LEU D 134 17.16 -23.18 8.53
C LEU D 134 17.04 -24.69 8.54
N ARG D 135 17.12 -25.30 7.35
CA ARG D 135 16.95 -26.73 7.19
C ARG D 135 18.21 -27.53 7.53
N ASP D 136 18.01 -28.79 7.93
CA ASP D 136 19.11 -29.72 8.18
C ASP D 136 19.54 -30.37 6.88
N GLU D 137 20.84 -30.59 6.73
CA GLU D 137 21.36 -31.09 5.47
C GLU D 137 21.58 -32.60 5.47
N ALA D 138 20.70 -33.32 4.78
CA ALA D 138 20.81 -34.78 4.70
C ALA D 138 21.99 -35.19 3.83
N CYS D 139 22.53 -36.37 4.11
CA CYS D 139 23.69 -36.89 3.40
C CYS D 139 23.41 -37.00 1.89
N GLY D 140 22.34 -37.73 1.54
CA GLY D 140 21.89 -37.84 0.16
C GLY D 140 22.67 -38.81 -0.70
N LYS D 141 23.72 -39.41 -0.16
CA LYS D 141 24.50 -40.33 -0.97
C LYS D 141 23.74 -41.62 -1.27
N GLU D 142 24.29 -42.39 -2.22
CA GLU D 142 23.80 -43.74 -2.57
C GLU D 142 23.42 -44.56 -1.36
N THR D 143 22.29 -45.27 -1.46
CA THR D 143 21.88 -46.17 -0.39
C THR D 143 21.81 -47.60 -0.87
N PRO D 144 22.91 -48.35 -0.75
CA PRO D 144 22.94 -49.76 -1.16
C PRO D 144 21.85 -50.59 -0.48
N ALA D 145 21.49 -51.72 -1.10
CA ALA D 145 20.46 -52.57 -0.52
C ALA D 145 21.03 -53.29 0.70
N GLY D 146 20.28 -53.28 1.79
CA GLY D 146 20.74 -53.89 3.02
C GLY D 146 21.38 -52.92 4.00
N TYR D 147 21.52 -51.67 3.59
CA TYR D 147 22.23 -50.68 4.40
C TYR D 147 21.27 -49.75 5.12
N ALA D 148 20.06 -50.26 5.34
CA ALA D 148 19.05 -49.62 6.19
C ALA D 148 18.70 -48.17 5.80
N GLY D 149 18.88 -47.83 4.53
CA GLY D 149 18.60 -46.48 4.08
C GLY D 149 19.77 -45.53 4.25
N LEU D 150 20.96 -46.05 4.55
CA LEU D 150 22.14 -45.22 4.72
C LEU D 150 23.12 -45.43 3.57
N CYS D 151 24.08 -44.52 3.39
CA CYS D 151 25.18 -44.78 2.46
C CYS D 151 26.17 -45.73 3.10
N GLN D 152 27.15 -46.20 2.32
CA GLN D 152 28.15 -47.14 2.84
C GLN D 152 28.83 -46.60 4.11
N ALA D 153 29.33 -45.37 4.04
CA ALA D 153 30.10 -44.78 5.14
C ALA D 153 29.26 -44.69 6.42
N HIS D 154 28.06 -44.16 6.28
CA HIS D 154 27.20 -43.96 7.42
C HIS D 154 26.67 -45.27 7.98
N TYR D 155 26.42 -46.25 7.11
CA TYR D 155 25.98 -47.58 7.57
C TYR D 155 27.07 -48.26 8.39
N LYS D 156 28.29 -48.21 7.87
CA LYS D 156 29.48 -48.66 8.60
C LYS D 156 29.60 -47.97 9.96
N GLU D 157 29.37 -46.67 10.00
CA GLU D 157 29.41 -45.94 11.27
C GLU D 157 28.36 -46.49 12.25
N TYR D 158 27.16 -46.70 11.74
CA TYR D 158 26.08 -47.25 12.55
C TYR D 158 26.46 -48.63 13.13
N LEU D 159 26.98 -49.52 12.28
CA LEU D 159 27.45 -50.82 12.74
C LEU D 159 28.54 -50.68 13.79
N VAL D 160 29.49 -49.77 13.55
CA VAL D 160 30.58 -49.62 14.50
C VAL D 160 30.05 -49.10 15.84
N SER D 161 29.04 -48.23 15.82
CA SER D 161 28.50 -47.73 17.08
C SER D 161 27.90 -48.88 17.89
N LEU D 162 27.28 -49.82 17.20
CA LEU D 162 26.74 -51.01 17.84
C LEU D 162 27.86 -51.90 18.40
N ILE D 163 28.88 -52.16 17.58
CA ILE D 163 30.02 -52.97 18.01
C ILE D 163 30.65 -52.39 19.28
N ASN D 164 30.89 -51.08 19.23
CA ASN D 164 31.45 -50.35 20.35
C ASN D 164 30.55 -50.36 21.58
N ALA D 165 29.26 -50.09 21.38
CA ALA D 165 28.33 -50.08 22.49
C ALA D 165 28.43 -51.39 23.28
N HIS D 166 28.55 -52.50 22.55
CA HIS D 166 28.57 -53.82 23.16
C HIS D 166 29.99 -54.35 23.41
N SER D 167 31.01 -53.49 23.33
CA SER D 167 32.42 -53.89 23.52
C SER D 167 32.80 -55.16 22.77
N LEU D 168 32.36 -55.27 21.52
CA LEU D 168 32.74 -56.42 20.72
C LEU D 168 34.18 -56.22 20.26
N ASP D 169 34.96 -57.28 20.33
CA ASP D 169 36.38 -57.23 19.99
C ASP D 169 36.58 -57.65 18.56
N PRO D 170 36.99 -56.73 17.70
CA PRO D 170 37.24 -57.04 16.30
C PRO D 170 38.35 -58.07 16.10
N ALA D 171 39.23 -58.27 17.08
CA ALA D 171 40.29 -59.26 16.93
C ALA D 171 39.72 -60.67 16.87
N THR D 172 38.50 -60.86 17.37
CA THR D 172 37.89 -62.19 17.28
C THR D 172 37.73 -62.64 15.84
N LEU D 173 37.76 -61.71 14.89
CA LEU D 173 37.65 -62.09 13.50
C LEU D 173 39.00 -62.04 12.75
N TYR D 174 40.08 -61.69 13.44
CA TYR D 174 41.37 -61.50 12.75
C TYR D 174 41.92 -62.79 12.13
N GLU D 175 42.41 -62.67 10.90
CA GLU D 175 43.35 -63.66 10.36
C GLU D 175 44.64 -63.60 11.20
N VAL D 176 45.47 -64.64 11.07
CA VAL D 176 46.75 -64.68 11.78
C VAL D 176 47.61 -63.46 11.41
N GLU D 177 47.55 -63.04 10.15
CA GLU D 177 48.27 -61.87 9.68
C GLU D 177 47.89 -60.61 10.47
N GLU D 178 46.59 -60.40 10.64
CA GLU D 178 46.09 -59.24 11.38
C GLU D 178 46.48 -59.32 12.84
N LEU D 179 46.42 -60.51 13.41
CA LEU D 179 46.90 -60.75 14.76
C LEU D 179 48.38 -60.42 14.87
N GLU D 180 49.14 -60.75 13.84
CA GLU D 180 50.57 -60.52 13.86
C GLU D 180 50.83 -59.01 13.74
N THR D 181 50.12 -58.36 12.82
CA THR D 181 50.06 -56.90 12.75
C THR D 181 49.70 -56.27 14.08
N ALA D 182 48.66 -56.80 14.72
CA ALA D 182 48.16 -56.18 15.95
C ALA D 182 49.19 -56.29 17.08
N THR D 183 49.80 -57.46 17.24
CA THR D 183 50.74 -57.65 18.32
C THR D 183 51.98 -56.77 18.13
N GLU D 184 52.38 -56.60 16.87
CA GLU D 184 53.46 -55.68 16.53
C GLU D 184 53.08 -54.25 16.89
N ARG D 185 51.84 -53.88 16.59
CA ARG D 185 51.37 -52.52 16.74
C ARG D 185 51.13 -52.17 18.21
N TYR D 186 50.62 -53.12 18.97
CA TYR D 186 50.21 -52.82 20.35
C TYR D 186 51.16 -53.43 21.39
N LEU D 187 51.91 -54.46 21.03
CA LEU D 187 52.84 -55.03 21.99
C LEU D 187 54.29 -54.98 21.49
N HIS D 188 54.49 -54.26 20.39
CA HIS D 188 55.82 -53.93 19.87
C HIS D 188 56.77 -55.10 19.73
N VAL D 189 56.23 -56.30 19.53
CA VAL D 189 57.04 -57.48 19.27
C VAL D 189 56.58 -58.14 17.98
N ARG D 190 57.50 -58.76 17.25
CA ARG D 190 57.12 -59.56 16.10
C ARG D 190 56.94 -61.01 16.59
N PRO D 191 55.70 -61.51 16.50
CA PRO D 191 55.47 -62.87 16.99
C PRO D 191 55.96 -63.93 16.00
N GLN D 192 56.10 -65.16 16.48
CA GLN D 192 56.50 -66.28 15.65
C GLN D 192 55.87 -67.55 16.23
N PRO D 193 55.47 -68.48 15.34
CA PRO D 193 55.07 -69.83 15.76
C PRO D 193 56.09 -70.46 16.72
N LEU D 194 55.60 -71.19 17.71
CA LEU D 194 56.49 -71.94 18.59
C LEU D 194 56.89 -73.25 17.92
N ALA D 195 57.84 -73.96 18.53
CA ALA D 195 58.30 -75.24 17.99
C ALA D 195 57.14 -76.21 17.84
N GLY D 196 56.75 -76.46 16.59
CA GLY D 196 55.73 -77.46 16.29
C GLY D 196 54.32 -76.94 16.47
N GLU D 197 54.19 -75.70 16.92
CA GLU D 197 52.88 -75.08 17.06
C GLU D 197 52.26 -74.85 15.69
N ASP D 198 51.16 -75.57 15.42
CA ASP D 198 50.43 -75.46 14.16
C ASP D 198 49.67 -74.12 14.06
N PRO D 199 49.15 -73.77 12.86
CA PRO D 199 48.54 -72.45 12.68
C PRO D 199 47.40 -72.07 13.65
N PRO D 200 46.38 -72.94 13.85
CA PRO D 200 45.31 -72.53 14.76
C PRO D 200 45.78 -72.31 16.19
N ALA D 201 46.60 -73.23 16.68
CA ALA D 201 47.17 -73.12 18.02
C ALA D 201 47.89 -71.78 18.18
N TYR D 202 48.66 -71.43 17.15
CA TYR D 202 49.37 -70.16 17.07
C TYR D 202 48.39 -68.99 17.16
N GLN D 203 47.40 -69.04 16.29
CA GLN D 203 46.38 -68.02 16.20
C GLN D 203 45.68 -67.84 17.55
N ALA D 204 45.20 -68.94 18.13
CA ALA D 204 44.51 -68.87 19.41
C ALA D 204 45.43 -68.29 20.47
N ARG D 205 46.72 -68.64 20.42
CA ARG D 205 47.67 -68.09 21.37
C ARG D 205 47.76 -66.58 21.20
N LEU D 206 48.06 -66.09 19.99
CA LEU D 206 48.19 -64.64 19.79
C LEU D 206 46.91 -63.86 20.13
N LEU D 207 45.75 -64.43 19.82
CA LEU D 207 44.50 -63.75 20.16
C LEU D 207 44.35 -63.61 21.67
N GLN D 208 44.67 -64.67 22.40
CA GLN D 208 44.48 -64.68 23.84
C GLN D 208 45.33 -63.61 24.50
N LYS D 209 46.62 -63.59 24.12
CA LYS D 209 47.58 -62.67 24.72
C LYS D 209 47.19 -61.24 24.40
N LEU D 210 46.90 -60.99 23.13
CA LEU D 210 46.43 -59.68 22.70
C LEU D 210 45.22 -59.21 23.52
N THR D 211 44.25 -60.09 23.74
CA THR D 211 43.05 -59.65 24.46
C THR D 211 43.32 -59.51 25.96
N GLU D 212 44.24 -60.32 26.48
CA GLU D 212 44.62 -60.24 27.87
C GLU D 212 45.38 -58.96 28.16
N GLU D 213 46.27 -58.57 27.25
CA GLU D 213 47.21 -57.50 27.54
C GLU D 213 46.92 -56.16 26.85
N VAL D 214 46.06 -56.19 25.83
CA VAL D 214 45.72 -54.97 25.11
C VAL D 214 44.22 -54.72 25.17
N PRO D 215 43.80 -53.82 26.06
CA PRO D 215 42.35 -53.68 26.21
C PRO D 215 41.74 -52.89 25.07
N LEU D 216 40.48 -53.19 24.76
CA LEU D 216 39.70 -52.32 23.87
C LEU D 216 39.75 -50.89 24.37
N GLY D 217 39.40 -49.96 23.49
CA GLY D 217 39.49 -48.54 23.75
C GLY D 217 38.89 -48.16 25.07
N GLN D 218 39.62 -47.38 25.87
CA GLN D 218 39.20 -47.15 27.24
C GLN D 218 38.45 -45.84 27.39
N SER D 219 38.32 -45.09 26.30
CA SER D 219 37.50 -43.89 26.33
C SER D 219 36.30 -43.98 25.39
N ILE D 220 36.14 -45.13 24.74
CA ILE D 220 34.99 -45.34 23.88
C ILE D 220 33.80 -45.57 24.79
N PRO D 221 32.70 -44.86 24.53
CA PRO D 221 31.49 -45.00 25.34
C PRO D 221 30.87 -46.39 25.15
N ARG D 222 30.46 -46.99 26.25
CA ARG D 222 29.98 -48.36 26.26
C ARG D 222 28.59 -48.48 26.88
N ARG D 223 27.81 -49.47 26.46
CA ARG D 223 26.55 -49.79 27.12
C ARG D 223 26.83 -50.42 28.48
N ASN E 20 -35.29 46.58 -16.05
CA ASN E 20 -35.02 45.18 -15.70
C ASN E 20 -35.60 44.20 -16.71
N GLY E 21 -35.09 42.98 -16.69
CA GLY E 21 -35.76 41.86 -17.33
C GLY E 21 -34.99 40.87 -18.19
N ILE E 22 -35.30 39.59 -18.00
CA ILE E 22 -34.94 38.55 -18.97
C ILE E 22 -36.19 38.04 -19.68
N ASP E 23 -36.54 38.65 -20.81
CA ASP E 23 -37.70 38.20 -21.58
C ASP E 23 -37.38 37.01 -22.46
N CYS E 24 -38.16 35.94 -22.34
CA CYS E 24 -38.09 34.82 -23.25
C CYS E 24 -38.28 35.29 -24.69
N PRO E 25 -37.35 34.92 -25.60
CA PRO E 25 -37.53 35.41 -26.97
C PRO E 25 -38.63 34.65 -27.75
N LYS E 26 -39.25 33.65 -27.13
CA LYS E 26 -40.30 32.90 -27.83
C LYS E 26 -41.71 33.16 -27.29
N CYS E 27 -41.88 33.31 -25.97
CA CYS E 27 -43.22 33.60 -25.44
C CYS E 27 -43.26 34.93 -24.70
N LYS E 28 -42.10 35.58 -24.59
CA LYS E 28 -41.97 36.93 -24.04
C LYS E 28 -42.40 37.03 -22.58
N PHE E 29 -42.50 35.91 -21.88
CA PHE E 29 -42.64 35.98 -20.44
C PHE E 29 -41.40 36.63 -19.81
N SER E 30 -41.63 37.61 -18.95
CA SER E 30 -40.56 38.33 -18.28
C SER E 30 -40.09 37.61 -17.02
N TYR E 31 -38.83 37.17 -17.04
CA TYR E 31 -38.19 36.59 -15.87
C TYR E 31 -37.30 37.62 -15.17
N ALA E 32 -36.96 37.37 -13.91
CA ALA E 32 -36.01 38.21 -13.18
C ALA E 32 -34.59 37.94 -13.69
N LEU E 33 -33.78 38.98 -13.81
CA LEU E 33 -32.43 38.81 -14.32
C LEU E 33 -31.46 38.22 -13.29
N ALA E 34 -31.79 37.03 -12.78
CA ALA E 34 -30.87 36.29 -11.93
C ALA E 34 -30.30 35.10 -12.71
N ARG E 35 -29.10 35.28 -13.25
CA ARG E 35 -28.52 34.27 -14.15
C ARG E 35 -27.86 33.13 -13.38
N GLY E 36 -27.18 33.47 -12.29
CA GLY E 36 -26.56 32.47 -11.45
C GLY E 36 -25.29 31.87 -12.05
N GLY E 37 -24.45 32.71 -12.62
CA GLY E 37 -23.17 32.26 -13.17
C GLY E 37 -23.30 31.36 -14.37
N CYS E 38 -24.52 31.16 -14.85
CA CYS E 38 -24.75 30.30 -16.00
C CYS E 38 -25.60 31.02 -17.07
N MET E 39 -25.23 30.87 -18.34
CA MET E 39 -25.90 31.58 -19.44
C MET E 39 -27.18 30.90 -19.93
N HIS E 40 -27.29 29.59 -19.65
CA HIS E 40 -28.44 28.81 -20.07
C HIS E 40 -29.68 29.32 -19.37
N PHE E 41 -30.74 29.52 -20.13
CA PHE E 41 -32.03 29.81 -19.54
C PHE E 41 -33.08 28.84 -20.08
N HIS E 42 -33.93 28.34 -19.19
CA HIS E 42 -35.06 27.50 -19.61
C HIS E 42 -36.40 28.14 -19.26
N CYS E 43 -37.11 28.60 -20.27
CA CYS E 43 -38.45 29.12 -20.06
C CYS E 43 -39.37 28.00 -19.58
N THR E 44 -39.83 28.10 -18.34
CA THR E 44 -40.73 27.09 -17.78
C THR E 44 -42.17 27.25 -18.29
N GLN E 45 -42.36 28.12 -19.28
CA GLN E 45 -43.70 28.48 -19.73
C GLN E 45 -43.99 28.05 -21.18
N CYS E 46 -42.93 27.87 -21.96
CA CYS E 46 -43.08 27.46 -23.34
C CYS E 46 -41.98 26.45 -23.69
N ARG E 47 -41.15 26.17 -22.68
CA ARG E 47 -40.07 25.16 -22.75
C ARG E 47 -38.87 25.60 -23.60
N HIS E 48 -38.90 26.81 -24.16
CA HIS E 48 -37.79 27.31 -24.97
C HIS E 48 -36.49 27.41 -24.16
N GLN E 49 -35.38 26.97 -24.76
CA GLN E 49 -34.07 27.11 -24.15
C GLN E 49 -33.27 28.16 -24.91
N PHE E 50 -32.53 29.00 -24.19
CA PHE E 50 -31.79 30.08 -24.80
C PHE E 50 -30.72 30.65 -23.90
N CYS E 51 -29.86 31.44 -24.52
CA CYS E 51 -28.87 32.25 -23.83
C CYS E 51 -29.49 33.54 -23.28
N SER E 52 -29.36 33.77 -21.98
CA SER E 52 -29.88 35.00 -21.38
C SER E 52 -28.97 36.18 -21.68
N GLY E 53 -27.94 35.92 -22.46
CA GLY E 53 -27.00 36.96 -22.83
C GLY E 53 -27.31 37.50 -24.20
N CYS E 54 -27.68 36.62 -25.12
CA CYS E 54 -27.91 37.07 -26.50
C CYS E 54 -29.24 36.54 -27.08
N TYR E 55 -29.94 35.74 -26.30
CA TYR E 55 -31.31 35.28 -26.60
C TYR E 55 -31.40 34.26 -27.74
N ASN E 56 -30.25 33.86 -28.29
CA ASN E 56 -30.25 32.82 -29.29
C ASN E 56 -30.51 31.48 -28.63
N ALA E 57 -31.06 30.54 -29.39
CA ALA E 57 -31.45 29.24 -28.86
C ALA E 57 -30.28 28.39 -28.42
N PHE E 58 -30.46 27.67 -27.31
CA PHE E 58 -29.57 26.56 -26.93
C PHE E 58 -30.10 25.21 -27.44
N TYR E 59 -29.31 24.51 -28.25
CA TYR E 59 -29.70 23.18 -28.74
C TYR E 59 -28.97 22.04 -28.05
N ALA E 60 -29.70 20.95 -27.79
CA ALA E 60 -29.09 19.71 -27.33
C ALA E 60 -28.24 19.08 -28.41
N LYS E 61 -27.45 18.08 -28.03
CA LYS E 61 -26.53 17.44 -28.95
C LYS E 61 -27.29 16.93 -30.15
N ASN E 62 -26.80 17.28 -31.34
CA ASN E 62 -27.33 16.83 -32.63
C ASN E 62 -28.64 17.49 -33.00
N LYS E 63 -29.14 18.42 -32.19
CA LYS E 63 -30.43 19.05 -32.46
C LYS E 63 -30.33 20.31 -33.32
N CYS E 64 -29.14 20.90 -33.43
CA CYS E 64 -29.01 22.21 -34.07
C CYS E 64 -29.26 22.20 -35.58
N PRO E 65 -30.14 23.10 -36.04
CA PRO E 65 -30.54 23.13 -37.45
C PRO E 65 -29.76 24.13 -38.31
N GLU E 66 -28.91 24.96 -37.71
CA GLU E 66 -28.12 25.91 -38.47
C GLU E 66 -27.33 25.17 -39.54
N PRO E 67 -27.36 25.68 -40.78
CA PRO E 67 -26.89 24.93 -41.95
C PRO E 67 -25.37 24.71 -42.00
N ASN E 68 -24.60 25.68 -41.52
CA ASN E 68 -23.15 25.59 -41.56
C ASN E 68 -22.52 25.43 -40.17
N CYS E 69 -23.29 24.81 -39.27
CA CYS E 69 -22.82 24.58 -37.91
C CYS E 69 -21.70 23.54 -37.88
N ARG E 70 -20.60 23.89 -37.23
CA ARG E 70 -19.44 23.02 -37.17
C ARG E 70 -19.39 22.26 -35.84
N VAL E 71 -20.39 22.49 -34.99
CA VAL E 71 -20.43 21.87 -33.66
C VAL E 71 -21.79 21.23 -33.34
N LYS E 72 -22.46 20.69 -34.35
CA LYS E 72 -23.80 20.12 -34.17
C LYS E 72 -23.87 19.01 -33.09
N LYS E 73 -22.76 18.32 -32.88
CA LYS E 73 -22.74 17.24 -31.90
C LYS E 73 -22.57 17.74 -30.47
N SER E 74 -22.40 19.05 -30.30
CA SER E 74 -22.29 19.59 -28.95
C SER E 74 -23.58 20.24 -28.50
N LEU E 75 -23.76 20.29 -27.18
CA LEU E 75 -24.80 21.11 -26.58
C LEU E 75 -24.26 22.54 -26.68
N HIS E 76 -25.02 23.43 -27.32
CA HIS E 76 -24.51 24.75 -27.70
C HIS E 76 -25.59 25.72 -28.18
N GLY E 77 -25.19 26.99 -28.25
CA GLY E 77 -25.97 28.03 -28.90
C GLY E 77 -24.99 28.78 -29.78
N HIS E 78 -25.49 29.66 -30.62
CA HIS E 78 -24.67 30.46 -31.50
C HIS E 78 -24.60 31.92 -31.02
N HIS E 79 -23.53 32.28 -30.33
CA HIS E 79 -23.44 33.60 -29.72
C HIS E 79 -22.68 34.60 -30.58
N PRO E 80 -23.21 35.83 -30.66
CA PRO E 80 -22.45 36.99 -31.15
C PRO E 80 -21.22 37.24 -30.30
N ARG E 81 -20.22 37.90 -30.89
CA ARG E 81 -18.97 38.08 -30.21
C ARG E 81 -19.11 38.97 -28.98
N ASP E 82 -20.21 39.72 -28.87
CA ASP E 82 -20.37 40.58 -27.70
C ASP E 82 -21.33 40.04 -26.64
N CYS E 83 -21.77 38.79 -26.80
CA CYS E 83 -22.54 38.15 -25.74
C CYS E 83 -21.69 37.95 -24.50
N LEU E 84 -22.35 37.97 -23.35
CA LEU E 84 -21.70 37.75 -22.07
C LEU E 84 -21.02 36.36 -22.03
N PHE E 85 -21.62 35.40 -22.73
CA PHE E 85 -21.05 34.07 -22.95
C PHE E 85 -19.53 34.11 -23.23
N TYR E 86 -19.11 35.03 -24.09
CA TYR E 86 -17.69 35.25 -24.35
C TYR E 86 -17.03 36.28 -23.42
N LEU E 87 -17.73 37.40 -23.19
CA LEU E 87 -17.10 38.55 -22.54
C LEU E 87 -16.84 38.30 -21.07
N ARG E 88 -17.58 37.36 -20.48
CA ARG E 88 -17.33 36.91 -19.10
C ARG E 88 -15.91 36.33 -18.94
N ASP E 89 -15.33 35.83 -20.02
CA ASP E 89 -14.00 35.29 -19.99
C ASP E 89 -12.91 36.36 -20.12
N TRP E 90 -13.30 37.61 -20.38
CA TRP E 90 -12.36 38.73 -20.33
C TRP E 90 -12.04 39.11 -18.91
N THR E 91 -10.89 39.75 -18.72
CA THR E 91 -10.56 40.37 -17.44
C THR E 91 -11.35 41.64 -17.33
N ALA E 92 -11.62 42.04 -16.08
CA ALA E 92 -12.37 43.26 -15.80
C ALA E 92 -11.60 44.47 -16.34
N LEU E 93 -10.29 44.41 -16.24
CA LEU E 93 -9.44 45.46 -16.76
C LEU E 93 -9.67 45.69 -18.26
N ARG E 94 -9.77 44.62 -19.01
CA ARG E 94 -9.89 44.75 -20.46
C ARG E 94 -11.31 45.17 -20.85
N LEU E 95 -12.29 44.74 -20.06
CA LEU E 95 -13.67 45.16 -20.28
C LEU E 95 -13.77 46.66 -20.02
N GLN E 96 -13.12 47.12 -18.95
CA GLN E 96 -13.02 48.54 -18.64
C GLN E 96 -12.36 49.35 -19.75
N LYS E 97 -11.28 48.78 -20.31
CA LYS E 97 -10.61 49.41 -21.44
C LYS E 97 -11.57 49.68 -22.58
N LEU E 98 -12.43 48.73 -22.89
CA LEU E 98 -13.37 48.89 -24.00
C LEU E 98 -14.34 50.04 -23.72
N LEU E 99 -14.73 50.18 -22.46
CA LEU E 99 -15.62 51.26 -22.05
C LEU E 99 -14.89 52.61 -22.07
N GLN E 100 -13.69 52.66 -21.50
CA GLN E 100 -12.90 53.90 -21.45
C GLN E 100 -12.55 54.39 -22.85
N ASP E 101 -12.27 53.48 -23.75
CA ASP E 101 -11.94 53.85 -25.13
C ASP E 101 -13.15 54.47 -25.85
N ASN E 102 -14.34 54.37 -25.26
CA ASN E 102 -15.55 54.88 -25.89
C ASN E 102 -16.26 55.88 -25.02
N ASN E 103 -15.54 56.34 -23.99
CA ASN E 103 -16.03 57.41 -23.13
C ASN E 103 -17.34 57.01 -22.43
N VAL E 104 -17.43 55.76 -21.98
CA VAL E 104 -18.64 55.33 -21.24
C VAL E 104 -18.39 55.30 -19.74
N MET E 105 -19.23 56.00 -18.97
CA MET E 105 -19.19 55.99 -17.50
C MET E 105 -19.29 54.60 -16.93
N PHE E 106 -18.49 54.27 -15.93
CA PHE E 106 -18.72 53.06 -15.17
C PHE E 106 -18.21 53.25 -13.75
N ASN E 107 -18.82 52.53 -12.82
CA ASN E 107 -18.40 52.61 -11.43
C ASN E 107 -17.24 51.68 -11.15
N THR E 108 -16.35 52.08 -10.22
CA THR E 108 -15.29 51.23 -9.68
C THR E 108 -15.47 51.16 -8.16
N GLU E 109 -16.31 52.05 -7.64
CA GLU E 109 -16.61 52.10 -6.22
C GLU E 109 -18.11 52.06 -6.05
N PRO E 110 -18.59 51.52 -4.94
CA PRO E 110 -20.03 51.61 -4.66
C PRO E 110 -20.41 53.05 -4.33
N PRO E 111 -21.72 53.39 -4.34
CA PRO E 111 -22.09 54.75 -3.94
C PRO E 111 -22.24 54.91 -2.43
N GLY E 119 -16.07 42.03 4.67
CA GLY E 119 -16.84 40.94 5.25
C GLY E 119 -18.31 40.98 4.87
N GLY E 120 -18.77 42.15 4.42
CA GLY E 120 -20.15 42.36 4.01
C GLY E 120 -20.53 41.67 2.71
N GLY E 121 -19.53 41.40 1.87
CA GLY E 121 -19.72 40.60 0.67
C GLY E 121 -20.38 41.29 -0.52
N CYS E 122 -20.31 40.64 -1.68
CA CYS E 122 -20.98 41.11 -2.90
C CYS E 122 -22.48 41.32 -2.63
N ARG E 123 -22.94 42.54 -2.90
CA ARG E 123 -24.29 42.97 -2.53
C ARG E 123 -25.34 42.55 -3.54
N VAL E 124 -24.93 41.92 -4.63
CA VAL E 124 -25.88 41.51 -5.66
C VAL E 124 -26.91 40.50 -5.14
N ILE E 125 -28.17 40.90 -5.22
CA ILE E 125 -29.28 40.07 -4.78
C ILE E 125 -29.51 38.92 -5.75
N GLU E 126 -29.51 37.69 -5.22
CA GLU E 126 -29.63 36.52 -6.07
C GLU E 126 -30.95 35.79 -5.80
N GLN E 127 -31.34 34.94 -6.75
CA GLN E 127 -32.51 34.09 -6.57
C GLN E 127 -32.31 33.27 -5.30
N LYS E 128 -33.32 33.27 -4.44
CA LYS E 128 -33.22 32.63 -3.15
C LYS E 128 -33.33 31.13 -3.29
N GLU E 129 -32.58 30.40 -2.47
CA GLU E 129 -32.63 28.95 -2.47
C GLU E 129 -33.82 28.44 -1.66
N VAL E 130 -34.49 29.37 -0.98
CA VAL E 130 -35.79 29.12 -0.41
C VAL E 130 -36.73 30.22 -0.90
N PRO E 131 -37.54 29.91 -1.93
CA PRO E 131 -38.46 30.88 -2.54
C PRO E 131 -39.51 31.37 -1.52
N ASN E 132 -39.45 30.76 -0.34
CA ASN E 132 -40.30 31.03 0.81
C ASN E 132 -39.85 32.23 1.65
N GLY E 133 -38.54 32.47 1.65
CA GLY E 133 -37.89 33.32 2.64
C GLY E 133 -38.36 34.76 2.66
N LEU E 134 -38.10 35.44 3.77
CA LEU E 134 -38.39 36.86 3.89
C LEU E 134 -37.28 37.71 3.28
N ARG E 135 -36.06 37.48 3.71
CA ARG E 135 -34.96 38.36 3.34
C ARG E 135 -34.25 37.91 2.07
N ASP E 136 -33.96 38.87 1.20
CA ASP E 136 -33.14 38.62 0.02
C ASP E 136 -31.83 37.92 0.36
N GLU E 137 -31.24 37.26 -0.63
CA GLU E 137 -29.94 36.61 -0.47
C GLU E 137 -28.86 37.27 -1.33
N ALA E 138 -27.99 38.02 -0.70
CA ALA E 138 -26.87 38.61 -1.42
C ALA E 138 -25.96 37.51 -1.95
N CYS E 139 -25.23 37.83 -3.03
CA CYS E 139 -24.19 36.97 -3.53
C CYS E 139 -23.19 36.65 -2.42
N GLY E 140 -22.68 37.69 -1.76
CA GLY E 140 -21.82 37.51 -0.60
C GLY E 140 -20.38 37.14 -0.89
N LYS E 141 -20.01 37.06 -2.16
CA LYS E 141 -18.65 36.64 -2.52
C LYS E 141 -17.67 37.78 -2.30
N GLU E 142 -16.39 37.47 -2.42
CA GLU E 142 -15.30 38.44 -2.26
C GLU E 142 -15.47 39.64 -3.20
N THR E 143 -15.29 40.84 -2.65
CA THR E 143 -15.40 42.08 -3.43
C THR E 143 -14.06 42.80 -3.62
N PRO E 144 -13.34 42.49 -4.71
CA PRO E 144 -12.03 43.08 -4.98
C PRO E 144 -12.07 44.60 -5.05
N ALA E 145 -10.95 45.25 -4.74
CA ALA E 145 -10.87 46.70 -4.82
C ALA E 145 -11.10 47.15 -6.26
N GLY E 146 -11.88 48.21 -6.42
CA GLY E 146 -12.18 48.75 -7.73
C GLY E 146 -13.28 48.03 -8.49
N TYR E 147 -14.02 47.15 -7.81
CA TYR E 147 -15.07 46.37 -8.46
C TYR E 147 -16.43 46.79 -7.95
N ALA E 148 -16.50 48.04 -7.50
CA ALA E 148 -17.74 48.66 -7.05
C ALA E 148 -18.48 47.90 -5.94
N GLY E 149 -17.81 46.97 -5.27
CA GLY E 149 -18.45 46.23 -4.19
C GLY E 149 -19.25 45.05 -4.71
N LEU E 150 -18.92 44.65 -5.94
CA LEU E 150 -19.41 43.43 -6.53
C LEU E 150 -18.28 42.42 -6.54
N CYS E 151 -18.62 41.14 -6.56
CA CYS E 151 -17.60 40.13 -6.79
C CYS E 151 -17.11 40.24 -8.22
N GLN E 152 -16.14 39.41 -8.58
CA GLN E 152 -15.56 39.47 -9.92
C GLN E 152 -16.59 39.20 -11.04
N ALA E 153 -17.29 38.08 -10.93
CA ALA E 153 -18.24 37.65 -11.96
C ALA E 153 -19.33 38.71 -12.17
N HIS E 154 -19.94 39.15 -11.07
CA HIS E 154 -20.96 40.20 -11.13
C HIS E 154 -20.40 41.55 -11.61
N TYR E 155 -19.17 41.90 -11.23
CA TYR E 155 -18.63 43.19 -11.68
C TYR E 155 -18.51 43.16 -13.19
N LYS E 156 -18.02 42.04 -13.72
CA LYS E 156 -17.93 41.82 -15.17
C LYS E 156 -19.29 41.88 -15.86
N GLU E 157 -20.29 41.17 -15.29
CA GLU E 157 -21.67 41.23 -15.77
C GLU E 157 -22.14 42.68 -15.93
N TYR E 158 -21.82 43.49 -14.92
CA TYR E 158 -22.14 44.92 -14.94
C TYR E 158 -21.43 45.67 -16.07
N LEU E 159 -20.13 45.41 -16.24
CA LEU E 159 -19.37 46.04 -17.33
C LEU E 159 -19.97 45.63 -18.68
N VAL E 160 -20.30 44.35 -18.81
CA VAL E 160 -20.87 43.85 -20.06
C VAL E 160 -22.26 44.45 -20.34
N SER E 161 -23.09 44.62 -19.30
CA SER E 161 -24.37 45.34 -19.48
C SER E 161 -24.16 46.74 -20.10
N LEU E 162 -23.16 47.47 -19.61
CA LEU E 162 -22.82 48.76 -20.19
C LEU E 162 -22.22 48.65 -21.61
N ILE E 163 -21.27 47.75 -21.78
CA ILE E 163 -20.72 47.47 -23.12
C ILE E 163 -21.82 47.20 -24.15
N ASN E 164 -22.77 46.36 -23.77
CA ASN E 164 -23.89 45.98 -24.61
C ASN E 164 -24.86 47.14 -24.84
N ALA E 165 -25.12 47.92 -23.79
CA ALA E 165 -26.12 48.99 -23.89
C ALA E 165 -25.69 50.03 -24.92
N HIS E 166 -24.39 50.29 -24.98
CA HIS E 166 -23.81 51.27 -25.91
C HIS E 166 -23.30 50.63 -27.20
N SER E 167 -23.59 49.35 -27.40
CA SER E 167 -23.19 48.62 -28.62
C SER E 167 -21.71 48.71 -28.98
N LEU E 168 -20.84 48.62 -27.97
CA LEU E 168 -19.39 48.61 -28.20
C LEU E 168 -18.98 47.28 -28.82
N ASP E 169 -18.05 47.32 -29.77
CA ASP E 169 -17.54 46.11 -30.40
C ASP E 169 -16.23 45.65 -29.78
N PRO E 170 -16.26 44.53 -29.06
CA PRO E 170 -15.07 44.00 -28.41
C PRO E 170 -13.92 43.73 -29.39
N ALA E 171 -14.23 43.46 -30.65
CA ALA E 171 -13.20 43.12 -31.63
C ALA E 171 -12.17 44.23 -31.83
N THR E 172 -12.57 45.46 -31.51
CA THR E 172 -11.65 46.60 -31.53
C THR E 172 -10.43 46.38 -30.64
N LEU E 173 -10.60 45.51 -29.65
CA LEU E 173 -9.49 45.18 -28.78
C LEU E 173 -8.84 43.81 -29.07
N TYR E 174 -9.29 43.07 -30.08
CA TYR E 174 -8.70 41.74 -30.33
C TYR E 174 -7.22 41.82 -30.72
N GLU E 175 -6.45 40.86 -30.23
CA GLU E 175 -5.14 40.60 -30.79
C GLU E 175 -5.36 39.85 -32.08
N VAL E 176 -4.33 39.73 -32.91
CA VAL E 176 -4.46 39.08 -34.20
C VAL E 176 -4.96 37.61 -34.08
N GLU E 177 -4.55 36.91 -33.02
CA GLU E 177 -4.99 35.52 -32.83
C GLU E 177 -6.50 35.45 -32.64
N GLU E 178 -7.02 36.35 -31.79
CA GLU E 178 -8.47 36.48 -31.56
C GLU E 178 -9.24 36.81 -32.83
N LEU E 179 -8.69 37.75 -33.60
CA LEU E 179 -9.25 38.05 -34.91
C LEU E 179 -9.26 36.82 -35.83
N GLU E 180 -8.19 36.03 -35.76
CA GLU E 180 -8.13 34.79 -36.55
C GLU E 180 -9.22 33.82 -36.12
N THR E 181 -9.35 33.65 -34.80
CA THR E 181 -10.42 32.84 -34.23
C THR E 181 -11.79 33.32 -34.66
N ALA E 182 -12.07 34.60 -34.44
CA ALA E 182 -13.31 35.22 -34.86
C ALA E 182 -13.66 34.95 -36.33
N THR E 183 -12.65 35.00 -37.19
CA THR E 183 -12.89 34.88 -38.62
C THR E 183 -13.36 33.48 -39.01
N GLU E 184 -12.74 32.46 -38.41
CA GLU E 184 -13.10 31.07 -38.65
C GLU E 184 -14.47 30.79 -38.08
N ARG E 185 -14.73 31.39 -36.93
CA ARG E 185 -15.94 31.12 -36.18
C ARG E 185 -17.15 31.80 -36.80
N TYR E 186 -16.99 33.04 -37.28
CA TYR E 186 -18.12 33.79 -37.79
C TYR E 186 -18.15 33.84 -39.33
N LEU E 187 -17.00 33.67 -39.98
CA LEU E 187 -16.94 33.74 -41.44
C LEU E 187 -16.57 32.39 -42.06
N HIS E 188 -16.36 31.39 -41.23
CA HIS E 188 -16.14 30.01 -41.66
C HIS E 188 -15.03 29.83 -42.67
N VAL E 189 -13.99 30.65 -42.56
CA VAL E 189 -12.81 30.54 -43.40
C VAL E 189 -11.54 30.66 -42.55
N ARG E 190 -10.50 29.90 -42.88
CA ARG E 190 -9.27 30.05 -42.12
C ARG E 190 -8.39 31.07 -42.83
N PRO E 191 -8.15 32.21 -42.16
CA PRO E 191 -7.45 33.33 -42.78
C PRO E 191 -5.94 33.16 -42.72
N GLN E 192 -5.23 33.87 -43.59
CA GLN E 192 -3.77 33.86 -43.66
C GLN E 192 -3.27 35.21 -44.12
N PRO E 193 -2.09 35.63 -43.62
CA PRO E 193 -1.45 36.86 -44.10
C PRO E 193 -1.16 36.77 -45.59
N LEU E 194 -1.27 37.90 -46.28
CA LEU E 194 -1.03 37.95 -47.72
C LEU E 194 0.45 38.15 -48.03
N ALA E 195 0.81 37.97 -49.30
CA ALA E 195 2.18 38.11 -49.77
C ALA E 195 2.79 39.44 -49.30
N GLY E 196 3.74 39.35 -48.38
CA GLY E 196 4.42 40.53 -47.88
C GLY E 196 3.52 41.40 -47.03
N GLU E 197 2.60 40.77 -46.30
CA GLU E 197 1.74 41.50 -45.38
C GLU E 197 2.38 41.55 -44.00
N ASP E 198 2.51 42.76 -43.47
CA ASP E 198 3.05 42.96 -42.13
C ASP E 198 1.93 42.84 -41.10
N PRO E 199 2.28 42.66 -39.81
CA PRO E 199 1.26 42.35 -38.80
C PRO E 199 0.17 43.42 -38.57
N PRO E 200 0.53 44.72 -38.39
CA PRO E 200 -0.60 45.65 -38.22
C PRO E 200 -1.52 45.66 -39.43
N ALA E 201 -0.93 45.54 -40.62
CA ALA E 201 -1.69 45.48 -41.85
C ALA E 201 -2.64 44.30 -41.84
N TYR E 202 -2.13 43.13 -41.44
CA TYR E 202 -2.90 41.89 -41.43
C TYR E 202 -4.02 41.96 -40.41
N GLN E 203 -3.64 42.41 -39.22
CA GLN E 203 -4.58 42.66 -38.14
C GLN E 203 -5.70 43.60 -38.57
N ALA E 204 -5.34 44.74 -39.16
CA ALA E 204 -6.30 45.73 -39.64
C ALA E 204 -7.24 45.12 -40.66
N ARG E 205 -6.67 44.32 -41.56
CA ARG E 205 -7.43 43.70 -42.62
C ARG E 205 -8.53 42.78 -42.07
N LEU E 206 -8.20 42.02 -41.03
CA LEU E 206 -9.15 41.05 -40.47
C LEU E 206 -10.27 41.73 -39.66
N LEU E 207 -9.90 42.78 -38.94
CA LEU E 207 -10.84 43.56 -38.15
C LEU E 207 -11.87 44.22 -39.05
N GLN E 208 -11.37 44.90 -40.07
CA GLN E 208 -12.23 45.57 -41.05
C GLN E 208 -13.21 44.59 -41.68
N LYS E 209 -12.71 43.43 -42.11
CA LYS E 209 -13.58 42.43 -42.73
C LYS E 209 -14.64 42.00 -41.72
N LEU E 210 -14.20 41.64 -40.53
CA LEU E 210 -15.10 41.10 -39.52
C LEU E 210 -16.18 42.10 -39.13
N THR E 211 -15.81 43.37 -39.05
CA THR E 211 -16.74 44.39 -38.60
C THR E 211 -17.83 44.65 -39.64
N GLU E 212 -17.47 44.63 -40.92
CA GLU E 212 -18.45 44.94 -41.96
C GLU E 212 -19.41 43.78 -42.23
N GLU E 213 -18.91 42.55 -42.10
CA GLU E 213 -19.71 41.39 -42.45
C GLU E 213 -20.46 40.79 -41.27
N VAL E 214 -19.89 40.89 -40.07
CA VAL E 214 -20.49 40.25 -38.90
C VAL E 214 -20.96 41.26 -37.87
N PRO E 215 -22.28 41.43 -37.73
CA PRO E 215 -22.79 42.44 -36.79
C PRO E 215 -22.72 41.96 -35.35
N LEU E 216 -22.79 42.89 -34.40
CA LEU E 216 -22.91 42.55 -32.99
C LEU E 216 -24.29 41.93 -32.76
N GLY E 217 -24.51 41.39 -31.56
CA GLY E 217 -25.74 40.67 -31.25
C GLY E 217 -26.98 41.41 -31.68
N GLN E 218 -27.83 40.75 -32.46
CA GLN E 218 -29.02 41.36 -33.00
C GLN E 218 -30.25 41.28 -32.10
N SER E 219 -30.17 40.49 -31.03
CA SER E 219 -31.27 40.44 -30.05
C SER E 219 -30.83 40.95 -28.69
N ILE E 220 -29.62 41.48 -28.64
CA ILE E 220 -29.12 42.06 -27.40
C ILE E 220 -29.77 43.43 -27.26
N PRO E 221 -30.43 43.66 -26.11
CA PRO E 221 -31.00 44.97 -25.75
C PRO E 221 -29.99 46.12 -25.88
N ARG E 222 -30.39 47.17 -26.59
CA ARG E 222 -29.53 48.34 -26.76
C ARG E 222 -30.22 49.56 -26.14
N ARG E 223 -29.42 50.53 -25.69
CA ARG E 223 -29.90 51.61 -24.82
C ARG E 223 -28.99 52.83 -24.83
N ASN F 20 37.09 13.22 25.72
CA ASN F 20 36.99 12.68 24.38
C ASN F 20 37.58 11.28 24.29
N GLY F 21 36.76 10.30 23.92
CA GLY F 21 37.23 8.94 23.70
C GLY F 21 36.71 7.84 24.62
N ILE F 22 36.94 6.60 24.22
CA ILE F 22 36.66 5.45 25.07
C ILE F 22 37.92 4.64 25.38
N ASP F 23 38.41 4.74 26.62
CA ASP F 23 39.55 3.94 27.05
C ASP F 23 39.10 2.59 27.59
N CYS F 24 39.72 1.52 27.10
CA CYS F 24 39.54 0.20 27.69
C CYS F 24 39.91 0.22 29.17
N PRO F 25 38.95 -0.13 30.04
CA PRO F 25 39.23 -0.01 31.47
C PRO F 25 40.22 -1.07 31.99
N LYS F 26 40.66 -1.98 31.12
CA LYS F 26 41.66 -2.95 31.52
C LYS F 26 43.08 -2.54 31.08
N CYS F 27 43.28 -2.27 29.79
CA CYS F 27 44.62 -1.86 29.30
C CYS F 27 44.75 -0.36 29.01
N LYS F 28 43.66 0.38 29.21
CA LYS F 28 43.60 1.83 29.03
C LYS F 28 44.04 2.31 27.66
N PHE F 29 43.87 1.47 26.64
CA PHE F 29 44.07 1.90 25.25
C PHE F 29 42.87 2.71 24.73
N SER F 30 43.13 3.86 24.15
CA SER F 30 42.08 4.79 23.76
C SER F 30 41.52 4.53 22.37
N TYR F 31 40.22 4.24 22.30
CA TYR F 31 39.57 4.04 21.02
C TYR F 31 38.80 5.27 20.56
N ALA F 32 38.43 5.27 19.29
CA ALA F 32 37.87 6.45 18.60
C ALA F 32 36.55 6.96 19.18
N LEU F 33 35.94 6.20 20.09
CA LEU F 33 34.69 6.58 20.75
C LEU F 33 33.48 6.57 19.79
N ALA F 34 33.55 5.75 18.75
CA ALA F 34 32.42 5.58 17.86
C ALA F 34 31.62 4.33 18.25
N ARG F 35 30.60 4.52 19.08
CA ARG F 35 29.78 3.41 19.59
C ARG F 35 28.98 2.70 18.50
N GLY F 36 28.40 3.47 17.58
CA GLY F 36 27.61 2.93 16.50
C GLY F 36 26.42 2.05 16.89
N GLY F 37 25.59 2.54 17.81
CA GLY F 37 24.37 1.85 18.15
C GLY F 37 24.47 0.89 19.31
N CYS F 38 25.61 0.22 19.43
CA CYS F 38 25.77 -0.86 20.41
C CYS F 38 26.65 -0.44 21.60
N MET F 39 26.29 -0.89 22.81
CA MET F 39 27.03 -0.51 24.04
C MET F 39 28.22 -1.43 24.29
N HIS F 40 28.19 -2.59 23.63
CA HIS F 40 29.20 -3.59 23.81
C HIS F 40 30.51 -3.15 23.18
N PHE F 41 31.58 -3.15 23.96
CA PHE F 41 32.88 -2.82 23.38
C PHE F 41 33.85 -3.98 23.60
N HIS F 42 34.49 -4.39 22.51
CA HIS F 42 35.48 -5.46 22.57
C HIS F 42 36.88 -4.92 22.31
N CYS F 43 37.66 -4.68 23.36
CA CYS F 43 39.03 -4.18 23.21
C CYS F 43 39.89 -5.23 22.52
N THR F 44 40.25 -4.96 21.27
CA THR F 44 41.02 -5.92 20.49
C THR F 44 42.48 -5.98 20.92
N GLN F 45 42.82 -5.25 21.99
CA GLN F 45 44.21 -5.18 22.42
C GLN F 45 44.47 -6.11 23.56
N CYS F 46 43.55 -6.17 24.52
CA CYS F 46 43.69 -7.09 25.64
C CYS F 46 42.55 -8.09 25.71
N ARG F 47 41.64 -8.01 24.74
CA ARG F 47 40.45 -8.88 24.63
C ARG F 47 39.36 -8.60 25.67
N HIS F 48 39.51 -7.58 26.50
CA HIS F 48 38.47 -7.25 27.48
C HIS F 48 37.17 -6.81 26.80
N GLN F 49 36.05 -7.22 27.39
CA GLN F 49 34.73 -6.84 26.86
C GLN F 49 33.95 -6.04 27.91
N PHE F 50 33.39 -4.92 27.49
CA PHE F 50 32.80 -3.99 28.44
C PHE F 50 31.75 -3.10 27.82
N CYS F 51 30.99 -2.45 28.69
CA CYS F 51 30.04 -1.43 28.32
C CYS F 51 30.72 -0.07 28.07
N SER F 52 30.58 0.46 26.85
CA SER F 52 31.18 1.78 26.57
C SER F 52 30.45 2.91 27.27
N GLY F 53 29.38 2.61 27.99
CA GLY F 53 28.63 3.63 28.68
C GLY F 53 29.06 3.73 30.13
N CYS F 54 29.33 2.59 30.75
CA CYS F 54 29.66 2.59 32.17
C CYS F 54 30.94 1.83 32.53
N TYR F 55 31.60 1.24 31.51
CA TYR F 55 32.91 0.61 31.63
C TYR F 55 32.93 -0.65 32.48
N ASN F 56 31.77 -1.21 32.78
CA ASN F 56 31.71 -2.45 33.52
C ASN F 56 31.78 -3.60 32.55
N ALA F 57 32.26 -4.75 33.03
CA ALA F 57 32.52 -5.86 32.15
C ALA F 57 31.23 -6.42 31.55
N PHE F 58 31.32 -6.95 30.33
CA PHE F 58 30.27 -7.78 29.76
C PHE F 58 30.64 -9.22 29.96
N TYR F 59 29.68 -10.03 30.39
CA TYR F 59 29.95 -11.42 30.65
C TYR F 59 29.22 -12.30 29.66
N ALA F 60 29.94 -13.28 29.10
CA ALA F 60 29.32 -14.29 28.25
C ALA F 60 28.34 -15.10 29.07
N LYS F 61 27.43 -15.80 28.38
CA LYS F 61 26.45 -16.64 29.06
C LYS F 61 27.14 -17.55 30.06
N ASN F 62 26.56 -17.64 31.25
CA ASN F 62 27.09 -18.48 32.32
C ASN F 62 28.49 -18.15 32.80
N LYS F 63 28.94 -16.92 32.58
CA LYS F 63 30.27 -16.55 33.02
C LYS F 63 30.26 -15.59 34.21
N CYS F 64 29.17 -14.84 34.39
CA CYS F 64 29.10 -13.85 35.48
C CYS F 64 29.32 -14.48 36.87
N PRO F 65 30.25 -13.90 37.64
CA PRO F 65 30.65 -14.48 38.93
C PRO F 65 29.80 -14.02 40.11
N GLU F 66 29.02 -12.96 39.93
CA GLU F 66 28.12 -12.46 40.97
C GLU F 66 27.14 -13.51 41.49
N PRO F 67 27.23 -13.83 42.79
CA PRO F 67 26.31 -14.80 43.40
C PRO F 67 24.86 -14.34 43.32
N ASN F 68 24.66 -13.03 43.49
CA ASN F 68 23.32 -12.45 43.55
C ASN F 68 22.73 -12.07 42.19
N CYS F 69 23.42 -12.37 41.11
CA CYS F 69 22.92 -12.07 39.76
C CYS F 69 21.83 -13.05 39.35
N ARG F 70 20.76 -12.54 38.77
CA ARG F 70 19.61 -13.36 38.43
C ARG F 70 19.44 -13.48 36.91
N VAL F 71 20.48 -13.11 36.17
CA VAL F 71 20.48 -13.23 34.71
C VAL F 71 21.77 -13.89 34.20
N LYS F 72 22.38 -14.74 35.01
CA LYS F 72 23.70 -15.29 34.68
C LYS F 72 23.68 -16.13 33.40
N LYS F 73 22.52 -16.65 33.03
CA LYS F 73 22.40 -17.34 31.75
C LYS F 73 22.39 -16.38 30.55
N SER F 74 22.35 -15.07 30.80
CA SER F 74 22.33 -14.13 29.68
C SER F 74 23.71 -13.53 29.38
N LEU F 75 23.84 -13.06 28.15
CA LEU F 75 24.96 -12.20 27.78
C LEU F 75 24.61 -10.83 28.34
N HIS F 76 25.43 -10.34 29.28
CA HIS F 76 25.07 -9.15 30.06
C HIS F 76 26.24 -8.51 30.79
N GLY F 77 26.01 -7.26 31.21
CA GLY F 77 26.89 -6.56 32.12
C GLY F 77 26.05 -5.98 33.24
N HIS F 78 26.70 -5.45 34.27
CA HIS F 78 25.98 -4.85 35.36
C HIS F 78 26.20 -3.34 35.32
N HIS F 79 25.15 -2.63 34.95
CA HIS F 79 25.22 -1.21 34.68
C HIS F 79 24.59 -0.40 35.82
N PRO F 80 25.20 0.74 36.17
CA PRO F 80 24.51 1.70 37.05
C PRO F 80 23.28 2.27 36.39
N ARG F 81 22.38 2.85 37.18
CA ARG F 81 21.14 3.39 36.65
C ARG F 81 21.35 4.59 35.72
N ASP F 82 22.51 5.23 35.78
CA ASP F 82 22.77 6.33 34.87
C ASP F 82 23.67 5.96 33.67
N CYS F 83 23.82 4.67 33.39
CA CYS F 83 24.48 4.29 32.14
C CYS F 83 23.55 4.51 30.94
N LEU F 84 24.16 4.88 29.82
CA LEU F 84 23.45 5.03 28.56
C LEU F 84 22.69 3.74 28.17
N PHE F 85 23.23 2.60 28.58
CA PHE F 85 22.52 1.33 28.42
C PHE F 85 21.03 1.44 28.78
N TYR F 86 20.73 2.03 29.94
CA TYR F 86 19.34 2.29 30.31
C TYR F 86 18.79 3.57 29.70
N LEU F 87 19.55 4.66 29.82
CA LEU F 87 19.01 5.99 29.50
C LEU F 87 18.73 6.16 28.02
N ARG F 88 19.36 5.32 27.19
CA ARG F 88 19.09 5.31 25.77
C ARG F 88 17.63 4.96 25.47
N ASP F 89 16.99 4.30 26.43
CA ASP F 89 15.58 3.91 26.29
C ASP F 89 14.63 5.00 26.81
N TRP F 90 15.15 6.04 27.43
CA TRP F 90 14.28 7.19 27.75
C TRP F 90 13.90 7.92 26.46
N THR F 91 12.81 8.68 26.49
CA THR F 91 12.50 9.64 25.43
C THR F 91 13.47 10.84 25.57
N ALA F 92 13.76 11.55 24.48
CA ALA F 92 14.59 12.74 24.60
C ALA F 92 13.91 13.79 25.47
N LEU F 93 12.58 13.80 25.49
CA LEU F 93 11.84 14.71 26.33
C LEU F 93 12.14 14.48 27.80
N ARG F 94 12.07 13.22 28.22
CA ARG F 94 12.31 12.93 29.62
C ARG F 94 13.78 13.18 30.00
N LEU F 95 14.70 12.87 29.09
CA LEU F 95 16.11 13.19 29.29
C LEU F 95 16.32 14.70 29.43
N GLN F 96 15.68 15.47 28.55
CA GLN F 96 15.69 16.92 28.65
C GLN F 96 15.11 17.40 29.97
N LYS F 97 14.04 16.75 30.43
CA LYS F 97 13.40 17.14 31.66
C LYS F 97 14.38 17.08 32.83
N LEU F 98 15.18 16.03 32.86
CA LEU F 98 16.16 15.86 33.91
C LEU F 98 17.21 16.96 33.82
N LEU F 99 17.58 17.32 32.59
CA LEU F 99 18.55 18.37 32.36
C LEU F 99 17.99 19.76 32.75
N GLN F 100 16.78 20.06 32.29
CA GLN F 100 16.10 21.31 32.69
C GLN F 100 15.93 21.44 34.20
N ASP F 101 15.42 20.39 34.85
CA ASP F 101 15.17 20.41 36.30
C ASP F 101 16.43 20.67 37.11
N ASN F 102 17.58 20.58 36.45
CA ASN F 102 18.84 20.81 37.13
C ASN F 102 19.59 21.98 36.51
N ASN F 103 18.90 22.75 35.67
CA ASN F 103 19.44 23.98 35.11
C ASN F 103 20.77 23.72 34.36
N VAL F 104 20.83 22.57 33.68
CA VAL F 104 21.93 22.27 32.78
C VAL F 104 21.48 22.54 31.36
N MET F 105 22.20 23.41 30.67
CA MET F 105 21.78 23.82 29.34
C MET F 105 22.17 22.80 28.28
N PHE F 106 21.50 22.86 27.16
CA PHE F 106 21.70 21.91 26.09
C PHE F 106 21.15 22.51 24.85
N ASN F 107 21.66 22.04 23.72
CA ASN F 107 21.23 22.56 22.45
C ASN F 107 20.00 21.84 21.99
N THR F 108 19.14 22.57 21.27
CA THR F 108 17.96 21.98 20.62
C THR F 108 18.04 22.37 19.15
N GLU F 109 18.80 23.42 18.87
CA GLU F 109 19.11 23.78 17.51
C GLU F 109 20.62 23.58 17.30
N PRO F 110 21.03 23.34 16.05
CA PRO F 110 22.45 23.34 15.71
C PRO F 110 23.07 24.72 15.87
N PRO F 111 24.39 24.79 16.08
CA PRO F 111 25.08 26.08 16.14
C PRO F 111 25.22 26.75 14.78
N GLY F 119 18.31 17.89 3.48
CA GLY F 119 18.69 16.51 3.29
C GLY F 119 20.09 16.22 3.78
N GLY F 120 20.68 17.17 4.48
CA GLY F 120 22.03 17.06 5.00
C GLY F 120 22.19 15.95 6.02
N GLY F 121 21.18 15.80 6.88
CA GLY F 121 21.18 14.72 7.87
C GLY F 121 22.13 14.89 9.03
N CYS F 122 22.13 13.91 9.94
CA CYS F 122 22.87 13.99 11.19
C CYS F 122 24.39 14.27 10.98
N ARG F 123 24.88 15.32 11.62
CA ARG F 123 26.25 15.76 11.38
C ARG F 123 27.29 14.93 12.14
N VAL F 124 26.85 13.99 12.97
CA VAL F 124 27.78 13.23 13.79
C VAL F 124 28.73 12.38 12.94
N ILE F 125 30.02 12.65 13.09
CA ILE F 125 31.04 11.96 12.32
C ILE F 125 31.31 10.58 12.90
N GLU F 126 31.11 9.56 12.08
CA GLU F 126 31.27 8.18 12.55
C GLU F 126 32.58 7.59 12.00
N GLN F 127 32.99 6.43 12.53
CA GLN F 127 34.13 5.71 11.97
C GLN F 127 33.82 5.28 10.55
N LYS F 128 34.77 5.44 9.66
CA LYS F 128 34.53 5.09 8.26
C LYS F 128 34.49 3.57 8.12
N GLU F 129 33.73 3.09 7.14
CA GLU F 129 33.68 1.67 6.87
C GLU F 129 35.01 1.19 6.31
N VAL F 130 35.64 2.05 5.51
CA VAL F 130 36.94 1.75 4.91
C VAL F 130 38.03 2.44 5.74
N PRO F 131 38.74 1.67 6.58
CA PRO F 131 39.76 2.16 7.54
C PRO F 131 40.83 3.06 6.92
N ASN F 132 40.98 3.05 5.60
CA ASN F 132 41.95 3.91 4.94
C ASN F 132 41.30 4.89 3.99
N GLY F 133 40.00 5.08 4.13
CA GLY F 133 39.33 6.13 3.37
C GLY F 133 39.85 7.49 3.82
N LEU F 134 39.79 8.46 2.93
CA LEU F 134 40.30 9.80 3.23
C LEU F 134 39.34 10.62 4.12
N ARG F 135 38.09 10.74 3.67
CA ARG F 135 37.11 11.62 4.31
C ARG F 135 36.40 10.98 5.50
N ASP F 136 35.95 11.82 6.44
CA ASP F 136 35.10 11.38 7.55
C ASP F 136 33.72 10.98 7.02
N GLU F 137 33.00 10.12 7.73
CA GLU F 137 31.66 9.74 7.30
C GLU F 137 30.58 10.17 8.30
N ALA F 138 29.84 11.20 7.92
CA ALA F 138 28.72 11.65 8.71
C ALA F 138 27.67 10.55 8.87
N CYS F 139 27.06 10.52 10.05
CA CYS F 139 25.90 9.68 10.33
C CYS F 139 24.82 9.78 9.25
N GLY F 140 24.35 11.00 9.01
CA GLY F 140 23.42 11.21 7.91
C GLY F 140 21.98 10.82 8.19
N LYS F 141 21.68 10.28 9.36
CA LYS F 141 20.30 9.88 9.67
C LYS F 141 19.38 11.10 9.78
N GLU F 142 18.07 10.88 9.77
CA GLU F 142 17.16 12.03 9.76
C GLU F 142 17.28 12.83 11.06
N THR F 143 17.04 14.13 10.96
CA THR F 143 17.26 15.04 12.08
C THR F 143 15.97 15.74 12.54
N PRO F 144 15.37 15.26 13.65
CA PRO F 144 14.07 15.85 14.05
C PRO F 144 14.24 17.27 14.56
N ALA F 145 13.21 18.10 14.43
CA ALA F 145 13.23 19.45 14.96
C ALA F 145 13.55 19.38 16.44
N GLY F 146 14.36 20.30 16.91
CA GLY F 146 14.70 20.36 18.33
C GLY F 146 15.72 19.32 18.76
N TYR F 147 16.23 18.52 17.81
CA TYR F 147 17.27 17.54 18.15
C TYR F 147 18.66 18.03 17.73
N ALA F 148 18.78 19.35 17.54
CA ALA F 148 20.05 20.05 17.31
C ALA F 148 20.85 19.59 16.08
N GLY F 149 20.18 19.01 15.10
CA GLY F 149 20.84 18.62 13.85
C GLY F 149 21.45 17.24 13.95
N LEU F 150 21.16 16.58 15.07
CA LEU F 150 21.51 15.17 15.29
C LEU F 150 20.30 14.30 15.02
N CYS F 151 20.55 13.01 14.79
CA CYS F 151 19.46 12.05 14.67
C CYS F 151 18.99 11.73 16.06
N GLN F 152 17.93 10.94 16.16
CA GLN F 152 17.38 10.64 17.47
C GLN F 152 18.38 9.97 18.42
N ALA F 153 18.99 8.88 17.98
CA ALA F 153 19.92 8.13 18.84
C ALA F 153 21.08 9.02 19.30
N HIS F 154 21.68 9.76 18.37
CA HIS F 154 22.82 10.61 18.71
C HIS F 154 22.44 11.77 19.64
N TYR F 155 21.25 12.32 19.45
CA TYR F 155 20.81 13.41 20.30
C TYR F 155 20.71 12.96 21.75
N LYS F 156 20.10 11.79 21.96
CA LYS F 156 20.02 11.15 23.28
C LYS F 156 21.36 10.92 23.92
N GLU F 157 22.29 10.41 23.12
CA GLU F 157 23.67 10.19 23.56
C GLU F 157 24.27 11.54 24.01
N TYR F 158 23.97 12.58 23.26
CA TYR F 158 24.41 13.92 23.63
C TYR F 158 23.81 14.34 24.96
N LEU F 159 22.51 14.10 25.16
CA LEU F 159 21.87 14.50 26.42
C LEU F 159 22.42 13.68 27.59
N VAL F 160 22.62 12.39 27.35
CA VAL F 160 23.15 11.50 28.38
C VAL F 160 24.59 11.92 28.72
N SER F 161 25.37 12.30 27.71
CA SER F 161 26.73 12.82 28.00
C SER F 161 26.67 14.00 29.00
N LEU F 162 25.73 14.90 28.79
CA LEU F 162 25.53 16.02 29.71
C LEU F 162 25.05 15.59 31.09
N ILE F 163 24.01 14.76 31.11
CA ILE F 163 23.54 14.13 32.34
C ILE F 163 24.68 13.50 33.14
N ASN F 164 25.50 12.70 32.47
CA ASN F 164 26.62 12.02 33.11
C ASN F 164 27.72 12.97 33.56
N ALA F 165 27.99 13.98 32.74
CA ALA F 165 29.03 14.95 33.08
C ALA F 165 28.71 15.62 34.42
N HIS F 166 27.43 15.95 34.65
CA HIS F 166 27.02 16.69 35.83
C HIS F 166 26.57 15.77 36.96
N SER F 167 26.79 14.47 36.80
CA SER F 167 26.28 13.46 37.73
C SER F 167 24.80 13.62 38.11
N LEU F 168 23.95 13.91 37.13
CA LEU F 168 22.53 13.99 37.42
C LEU F 168 21.99 12.59 37.68
N ASP F 169 21.17 12.46 38.72
CA ASP F 169 20.61 11.16 39.11
C ASP F 169 19.23 10.94 38.49
N PRO F 170 19.15 10.02 37.52
CA PRO F 170 17.90 9.75 36.79
C PRO F 170 16.75 9.28 37.70
N ALA F 171 17.09 8.71 38.85
CA ALA F 171 16.08 8.24 39.77
C ALA F 171 15.20 9.37 40.31
N THR F 172 15.70 10.60 40.27
CA THR F 172 14.92 11.74 40.72
C THR F 172 13.61 11.85 39.94
N LEU F 173 13.59 11.27 38.75
CA LEU F 173 12.40 11.26 37.92
C LEU F 173 11.62 9.95 38.00
N TYR F 174 12.05 9.02 38.84
CA TYR F 174 11.44 7.69 38.82
C TYR F 174 10.01 7.69 39.31
N GLU F 175 9.18 6.92 38.61
CA GLU F 175 7.90 6.50 39.13
C GLU F 175 8.12 5.59 40.33
N VAL F 176 7.04 5.20 41.00
CA VAL F 176 7.17 4.28 42.12
C VAL F 176 7.64 2.92 41.60
N GLU F 177 7.07 2.47 40.49
CA GLU F 177 7.46 1.20 39.88
C GLU F 177 8.96 1.18 39.63
N GLU F 178 9.46 2.24 38.99
CA GLU F 178 10.85 2.32 38.61
C GLU F 178 11.74 2.30 39.84
N LEU F 179 11.27 2.88 40.93
CA LEU F 179 12.05 2.85 42.15
C LEU F 179 12.05 1.44 42.73
N GLU F 180 10.91 0.75 42.58
CA GLU F 180 10.78 -0.61 43.09
C GLU F 180 11.75 -1.50 42.33
N THR F 181 11.69 -1.42 41.01
CA THR F 181 12.62 -2.10 40.12
C THR F 181 14.06 -1.90 40.56
N ALA F 182 14.48 -0.63 40.59
CA ALA F 182 15.82 -0.26 40.97
C ALA F 182 16.23 -0.78 42.35
N THR F 183 15.33 -0.66 43.34
CA THR F 183 15.68 -1.07 44.70
C THR F 183 16.00 -2.55 44.69
N GLU F 184 15.13 -3.32 44.04
CA GLU F 184 15.36 -4.73 43.82
C GLU F 184 16.65 -5.00 43.06
N ARG F 185 16.87 -4.27 41.98
CA ARG F 185 18.01 -4.50 41.11
C ARG F 185 19.35 -4.32 41.83
N TYR F 186 19.45 -3.25 42.61
CA TYR F 186 20.73 -2.86 43.20
C TYR F 186 20.86 -3.12 44.69
N LEU F 187 19.74 -3.25 45.38
CA LEU F 187 19.76 -3.52 46.81
C LEU F 187 19.26 -4.94 47.10
N HIS F 188 18.69 -5.57 46.08
CA HIS F 188 18.27 -6.96 46.13
C HIS F 188 17.25 -7.24 47.23
N VAL F 189 16.30 -6.32 47.36
CA VAL F 189 15.10 -6.52 48.15
C VAL F 189 13.94 -5.92 47.37
N ARG F 190 12.78 -6.56 47.40
CA ARG F 190 11.56 -5.95 46.87
C ARG F 190 10.86 -5.20 47.99
N PRO F 191 10.80 -3.87 47.89
CA PRO F 191 10.22 -3.08 48.97
C PRO F 191 8.70 -3.16 48.95
N GLN F 192 8.08 -2.72 50.03
CA GLN F 192 6.65 -2.74 50.15
C GLN F 192 6.16 -1.46 50.81
N PRO F 193 4.99 -0.98 50.40
CA PRO F 193 4.39 0.15 51.12
C PRO F 193 4.19 -0.21 52.60
N LEU F 194 4.47 0.73 53.48
CA LEU F 194 4.19 0.55 54.90
C LEU F 194 2.68 0.57 55.16
N ALA F 195 2.29 0.66 56.41
CA ALA F 195 0.88 0.73 56.77
C ALA F 195 0.43 2.19 56.84
N GLY F 196 -0.54 2.55 56.01
CA GLY F 196 -0.98 3.93 55.91
C GLY F 196 0.09 4.80 55.31
N GLU F 197 0.62 4.38 54.16
CA GLU F 197 1.64 5.14 53.47
C GLU F 197 1.16 5.59 52.09
N ASP F 198 1.14 6.89 51.88
CA ASP F 198 0.73 7.45 50.60
C ASP F 198 1.87 7.37 49.61
N PRO F 199 1.53 7.11 48.33
CA PRO F 199 2.51 7.05 47.24
C PRO F 199 3.56 8.18 47.25
N PRO F 200 3.19 9.42 47.62
CA PRO F 200 4.26 10.42 47.71
C PRO F 200 5.36 10.09 48.72
N ALA F 201 5.00 9.62 49.91
CA ALA F 201 6.00 9.31 50.93
C ALA F 201 6.68 7.97 50.68
N TYR F 202 5.98 7.07 49.99
CA TYR F 202 6.52 5.74 49.66
C TYR F 202 7.69 5.90 48.70
N GLN F 203 7.41 6.47 47.53
CA GLN F 203 8.44 6.86 46.56
C GLN F 203 9.55 7.68 47.23
N ALA F 204 9.15 8.61 48.10
CA ALA F 204 10.11 9.44 48.83
C ALA F 204 11.06 8.57 49.64
N ARG F 205 10.48 7.62 50.35
CA ARG F 205 11.25 6.68 51.15
C ARG F 205 12.20 5.88 50.26
N LEU F 206 11.64 5.28 49.21
CA LEU F 206 12.42 4.53 48.22
C LEU F 206 13.58 5.35 47.67
N LEU F 207 13.28 6.58 47.26
CA LEU F 207 14.27 7.44 46.64
C LEU F 207 15.43 7.71 47.58
N GLN F 208 15.12 7.98 48.84
CA GLN F 208 16.15 8.26 49.83
C GLN F 208 17.03 7.03 50.03
N LYS F 209 16.40 5.87 50.14
CA LYS F 209 17.14 4.63 50.36
C LYS F 209 18.09 4.35 49.22
N LEU F 210 17.61 4.55 47.99
CA LEU F 210 18.44 4.26 46.83
C LEU F 210 19.62 5.22 46.73
N THR F 211 19.36 6.50 46.94
CA THR F 211 20.42 7.50 46.78
C THR F 211 21.45 7.42 47.91
N GLU F 212 21.03 6.95 49.08
CA GLU F 212 21.96 6.75 50.17
C GLU F 212 22.82 5.50 49.97
N GLU F 213 22.20 4.45 49.45
CA GLU F 213 22.86 3.14 49.35
C GLU F 213 23.56 2.92 48.01
N VAL F 214 22.92 3.33 46.92
CA VAL F 214 23.41 2.97 45.59
C VAL F 214 23.91 4.16 44.78
N PRO F 215 25.24 4.28 44.67
CA PRO F 215 25.84 5.43 43.97
C PRO F 215 25.50 5.41 42.48
N LEU F 216 25.92 6.45 41.77
CA LEU F 216 25.85 6.45 40.32
C LEU F 216 27.06 5.69 39.82
N GLY F 217 27.16 5.51 38.50
CA GLY F 217 28.29 4.81 37.92
C GLY F 217 29.63 5.25 38.46
N GLN F 218 30.42 4.31 38.98
CA GLN F 218 31.70 4.66 39.56
C GLN F 218 32.76 4.85 38.49
N SER F 219 32.49 4.35 37.29
CA SER F 219 33.51 4.44 36.22
C SER F 219 33.08 5.37 35.09
N ILE F 220 31.93 6.01 35.25
CA ILE F 220 31.47 6.99 34.26
C ILE F 220 32.27 8.29 34.47
N PRO F 221 32.93 8.76 33.41
CA PRO F 221 33.67 10.03 33.39
C PRO F 221 32.80 11.20 33.82
N ARG F 222 33.27 11.98 34.79
CA ARG F 222 32.48 13.04 35.40
C ARG F 222 33.09 14.42 35.21
N ARG F 223 32.37 15.43 35.73
CA ARG F 223 32.77 16.84 35.74
C ARG F 223 32.80 17.42 34.34
#